data_9J7H
#
_entry.id   9J7H
#
_cell.length_a   122.978
_cell.length_b   51.823
_cell.length_c   133.303
_cell.angle_alpha   90.00
_cell.angle_beta   108.93
_cell.angle_gamma   90.00
#
_symmetry.space_group_name_H-M   'P 1 21 1'
#
loop_
_entity.id
_entity.type
_entity.pdbx_description
1 polymer 'Phospho-2-dehydro-3-deoxyheptonate aldolase'
2 non-polymer '(1S,3R,4S,5R)-1,3,4,5-tetrahydroxycyclohexanecarboxylic acid'
3 water water
#
_entity_poly.entity_id   1
_entity_poly.type   'polypeptide(L)'
_entity_poly.pdbx_seq_one_letter_code
;MNYQNDDVRVKQIKELLPPIALLEKFPATDKAAFTVHEARHAIHNILVGKDDRLVVVIGPCSIHDTKAALEYAERLKEIR
EELKDSLEIVMRVYFEKPRTTVGWKGLINDPHMDHSFDINEGLRIARELLLTINDQGLPTAGEFLDVISPQYVADLMSWG
AIGARTTESQIHRELASGLSCPVGFKNGTDGTIKIAIDAINSARSAHSFLSVTKWGHSAIVNTSGNPDCHIILRGGKEPN
YSAEHVKAVREGLINAGLIPSIMIDFSHANSSKKFEKQMEVATDVSTQLSQGDRSITGVMIESHLVEGNQNLESGEPLVY
GKSVTDACIGWDDTEKVLRQLSEAVIARRNK
;
_entity_poly.pdbx_strand_id   A,B,C,D
#
# COMPACT_ATOMS: atom_id res chain seq x y z
N TYR A 3 -0.15 -3.51 27.67
CA TYR A 3 -1.42 -4.24 27.53
C TYR A 3 -1.56 -4.64 26.08
N GLN A 4 -1.19 -5.87 25.76
CA GLN A 4 -1.27 -6.33 24.36
C GLN A 4 -2.74 -6.44 23.98
N ASN A 5 -3.24 -5.46 23.23
CA ASN A 5 -4.66 -5.44 22.85
C ASN A 5 -4.79 -5.68 21.35
N ASP A 6 -3.66 -5.71 20.66
CA ASP A 6 -3.66 -5.87 19.18
C ASP A 6 -3.10 -7.21 18.74
N ASP A 7 -3.64 -7.77 17.67
CA ASP A 7 -3.08 -9.00 17.07
C ASP A 7 -2.73 -10.03 18.16
N VAL A 8 -3.64 -10.24 19.11
CA VAL A 8 -3.42 -11.22 20.21
C VAL A 8 -3.72 -12.61 19.65
N ARG A 9 -4.63 -12.70 18.69
CA ARG A 9 -5.07 -13.99 18.09
C ARG A 9 -4.58 -14.04 16.64
N VAL A 10 -3.57 -13.23 16.33
CA VAL A 10 -2.95 -13.20 14.98
C VAL A 10 -1.56 -13.85 15.13
N LYS A 11 -1.38 -15.03 14.51
CA LYS A 11 -0.08 -15.74 14.57
C LYS A 11 0.92 -15.05 13.64
N GLN A 12 0.47 -14.71 12.45
CA GLN A 12 1.32 -13.98 11.48
C GLN A 12 0.45 -13.21 10.51
N ILE A 13 0.88 -12.02 10.11
CA ILE A 13 0.21 -11.28 9.01
C ILE A 13 1.34 -11.09 8.00
N LYS A 14 1.11 -11.58 6.80
CA LYS A 14 2.12 -11.43 5.73
C LYS A 14 1.50 -10.65 4.59
N GLU A 15 2.30 -9.83 3.93
CA GLU A 15 1.83 -9.07 2.74
C GLU A 15 1.62 -10.02 1.55
N LEU A 16 0.45 -9.92 0.93
CA LEU A 16 0.10 -10.70 -0.25
C LEU A 16 0.55 -9.86 -1.44
N LEU A 17 0.89 -10.52 -2.52
CA LEU A 17 1.39 -9.77 -3.67
C LEU A 17 0.31 -8.77 -4.07
N PRO A 18 0.69 -7.60 -4.61
CA PRO A 18 -0.30 -6.66 -5.08
C PRO A 18 -1.03 -7.34 -6.18
N PRO A 19 -2.33 -7.10 -6.39
CA PRO A 19 -2.99 -7.71 -7.54
C PRO A 19 -2.29 -7.38 -8.85
N ILE A 20 -1.48 -6.32 -8.88
CA ILE A 20 -0.85 -5.83 -10.14
C ILE A 20 0.34 -6.71 -10.51
N ALA A 21 0.97 -7.33 -9.52
CA ALA A 21 2.10 -8.26 -9.78
C ALA A 21 1.61 -9.53 -10.46
N LEU A 22 0.32 -9.79 -10.42
CA LEU A 22 -0.26 -11.03 -10.98
C LEU A 22 -0.72 -10.77 -12.40
N LEU A 23 -1.19 -9.56 -12.67
CA LEU A 23 -1.70 -9.16 -13.99
C LEU A 23 -0.54 -8.77 -14.88
N GLU A 24 0.58 -8.44 -14.28
CA GLU A 24 1.80 -8.14 -15.03
C GLU A 24 2.46 -9.44 -15.46
N LYS A 25 2.74 -10.34 -14.51
CA LYS A 25 3.33 -11.67 -14.79
C LYS A 25 2.39 -12.52 -15.64
N PHE A 26 1.09 -12.46 -15.38
CA PHE A 26 0.10 -13.24 -16.17
C PHE A 26 -0.88 -12.30 -16.83
N PRO A 27 -0.41 -11.52 -17.81
CA PRO A 27 -1.27 -10.60 -18.51
C PRO A 27 -2.26 -11.37 -19.34
N ALA A 28 -3.47 -10.86 -19.37
CA ALA A 28 -4.51 -11.51 -20.19
C ALA A 28 -4.10 -11.38 -21.65
N THR A 29 -4.52 -12.35 -22.44
CA THR A 29 -4.21 -12.34 -23.86
C THR A 29 -5.40 -11.79 -24.56
N ASP A 30 -5.22 -11.31 -25.77
CA ASP A 30 -6.37 -10.84 -26.56
C ASP A 30 -7.33 -12.01 -26.70
N LYS A 31 -6.83 -13.24 -26.69
CA LYS A 31 -7.71 -14.42 -26.84
C LYS A 31 -8.49 -14.64 -25.54
N ALA A 32 -7.83 -14.54 -24.40
CA ALA A 32 -8.50 -14.64 -23.09
C ALA A 32 -9.57 -13.56 -22.93
N ALA A 33 -9.23 -12.33 -23.30
CA ALA A 33 -10.16 -11.19 -23.21
C ALA A 33 -11.44 -11.42 -24.01
N PHE A 34 -11.34 -11.85 -25.27
CA PHE A 34 -12.52 -12.06 -26.14
C PHE A 34 -13.35 -13.21 -25.63
N THR A 35 -12.72 -14.16 -24.98
CA THR A 35 -13.43 -15.34 -24.47
C THR A 35 -14.30 -14.91 -23.33
N VAL A 36 -13.72 -14.19 -22.38
CA VAL A 36 -14.44 -13.71 -21.19
C VAL A 36 -15.50 -12.72 -21.64
N HIS A 37 -15.19 -11.97 -22.69
CA HIS A 37 -16.08 -10.85 -23.00
C HIS A 37 -17.28 -11.48 -23.67
N GLU A 38 -17.07 -12.40 -24.58
CA GLU A 38 -18.19 -12.93 -25.38
C GLU A 38 -19.02 -13.86 -24.52
N ALA A 39 -18.42 -14.48 -23.51
CA ALA A 39 -19.11 -15.42 -22.63
C ALA A 39 -20.00 -14.70 -21.63
N ARG A 40 -19.49 -13.66 -20.98
CA ARG A 40 -20.29 -12.83 -20.04
C ARG A 40 -21.51 -12.30 -20.79
N HIS A 41 -21.37 -12.02 -22.08
CA HIS A 41 -22.47 -11.45 -22.89
C HIS A 41 -23.38 -12.58 -23.36
N ALA A 42 -22.79 -13.72 -23.69
CA ALA A 42 -23.69 -14.84 -24.05
C ALA A 42 -24.53 -15.34 -22.86
N ILE A 43 -23.91 -15.37 -21.69
CA ILE A 43 -24.58 -15.80 -20.43
C ILE A 43 -25.74 -14.84 -20.12
N HIS A 44 -25.53 -13.54 -20.35
CA HIS A 44 -26.56 -12.51 -20.10
C HIS A 44 -27.76 -12.69 -21.03
N ASN A 45 -27.50 -13.03 -22.27
CA ASN A 45 -28.60 -13.12 -23.26
C ASN A 45 -29.44 -14.35 -22.93
N ILE A 46 -28.81 -15.41 -22.45
CA ILE A 46 -29.54 -16.62 -22.03
C ILE A 46 -30.28 -16.31 -20.72
N LEU A 47 -29.74 -15.50 -19.82
CA LEU A 47 -30.37 -15.23 -18.52
C LEU A 47 -31.64 -14.41 -18.69
N VAL A 48 -31.78 -13.67 -19.78
CA VAL A 48 -32.92 -12.74 -20.01
C VAL A 48 -33.84 -13.22 -21.14
N GLY A 49 -33.55 -14.36 -21.75
CA GLY A 49 -34.43 -14.96 -22.76
C GLY A 49 -34.11 -14.59 -24.18
N LYS A 50 -32.97 -13.97 -24.42
CA LYS A 50 -32.65 -13.50 -25.78
C LYS A 50 -31.96 -14.67 -26.49
N ASP A 51 -31.53 -15.66 -25.72
CA ASP A 51 -30.86 -16.82 -26.23
C ASP A 51 -31.53 -18.07 -25.65
N ASP A 52 -31.89 -19.00 -26.54
CA ASP A 52 -32.64 -20.21 -26.15
C ASP A 52 -31.69 -21.28 -25.65
N ARG A 53 -30.42 -20.92 -25.59
CA ARG A 53 -29.41 -21.92 -25.20
C ARG A 53 -29.37 -21.99 -23.68
N LEU A 54 -28.67 -22.98 -23.16
CA LEU A 54 -28.55 -23.16 -21.70
C LEU A 54 -27.11 -22.91 -21.29
N VAL A 55 -26.93 -22.28 -20.14
CA VAL A 55 -25.57 -22.11 -19.59
C VAL A 55 -25.18 -23.41 -18.87
N VAL A 56 -23.94 -23.87 -19.08
CA VAL A 56 -23.46 -25.09 -18.39
C VAL A 56 -22.19 -24.78 -17.60
N VAL A 57 -22.27 -24.82 -16.27
CA VAL A 57 -21.05 -24.65 -15.40
C VAL A 57 -20.63 -26.04 -14.98
N ILE A 58 -19.75 -26.67 -15.76
CA ILE A 58 -19.31 -28.07 -15.54
C ILE A 58 -17.79 -28.07 -15.38
N GLY A 59 -17.31 -28.84 -14.41
CA GLY A 59 -15.87 -28.88 -14.15
C GLY A 59 -15.60 -29.74 -12.95
N PRO A 60 -14.31 -29.96 -12.65
CA PRO A 60 -13.95 -30.75 -11.49
C PRO A 60 -14.43 -30.26 -10.15
N CYS A 61 -14.63 -31.18 -9.21
CA CYS A 61 -14.98 -30.82 -7.84
C CYS A 61 -13.91 -29.91 -7.24
N SER A 62 -12.64 -30.35 -7.44
CA SER A 62 -11.49 -29.76 -6.80
C SER A 62 -10.29 -29.89 -7.74
N ILE A 63 -9.52 -28.81 -7.86
CA ILE A 63 -8.37 -28.79 -8.80
C ILE A 63 -7.08 -28.93 -7.98
N HIS A 64 -6.44 -30.10 -8.04
CA HIS A 64 -5.18 -30.36 -7.31
C HIS A 64 -4.04 -30.57 -8.31
N ASP A 65 -4.36 -30.50 -9.60
CA ASP A 65 -3.33 -30.65 -10.67
C ASP A 65 -3.76 -29.85 -11.88
N THR A 66 -2.91 -28.93 -12.33
CA THR A 66 -3.19 -28.12 -13.53
C THR A 66 -3.10 -28.97 -14.77
N LYS A 67 -2.13 -29.88 -14.84
CA LYS A 67 -2.03 -30.80 -16.00
C LYS A 67 -3.31 -31.64 -16.12
N ALA A 68 -3.91 -32.08 -15.04
CA ALA A 68 -5.17 -32.81 -15.16
C ALA A 68 -6.30 -31.87 -15.60
N ALA A 69 -6.26 -30.61 -15.18
CA ALA A 69 -7.30 -29.63 -15.55
C ALA A 69 -7.14 -29.21 -17.00
N LEU A 70 -5.89 -29.08 -17.44
CA LEU A 70 -5.62 -28.63 -18.82
C LEU A 70 -6.03 -29.71 -19.82
N GLU A 71 -5.97 -30.97 -19.42
CA GLU A 71 -6.45 -32.07 -20.30
C GLU A 71 -7.97 -32.04 -20.29
N TYR A 72 -8.58 -31.82 -19.13
CA TYR A 72 -10.06 -31.69 -19.06
C TYR A 72 -10.48 -30.49 -19.86
N ALA A 73 -9.70 -29.41 -19.80
CA ALA A 73 -10.04 -28.25 -20.64
C ALA A 73 -10.04 -28.55 -22.11
N GLU A 74 -9.12 -29.39 -22.57
CA GLU A 74 -8.99 -29.68 -24.02
C GLU A 74 -10.17 -30.49 -24.53
N ARG A 75 -10.52 -31.55 -23.82
CA ARG A 75 -11.69 -32.36 -24.20
C ARG A 75 -12.94 -31.47 -24.16
N LEU A 76 -13.14 -30.74 -23.06
CA LEU A 76 -14.34 -29.88 -22.88
C LEU A 76 -14.49 -28.86 -24.02
N LYS A 77 -13.42 -28.19 -24.43
CA LYS A 77 -13.47 -27.19 -25.53
C LYS A 77 -14.09 -27.77 -26.81
N GLU A 78 -13.66 -28.94 -27.23
CA GLU A 78 -14.27 -29.60 -28.43
C GLU A 78 -15.79 -29.76 -28.22
N ILE A 79 -16.24 -30.20 -27.05
CA ILE A 79 -17.70 -30.33 -26.75
C ILE A 79 -18.36 -28.95 -26.76
N ARG A 80 -17.70 -27.93 -26.23
CA ARG A 80 -18.19 -26.54 -26.29
C ARG A 80 -18.42 -26.13 -27.75
N GLU A 81 -17.48 -26.43 -28.64
CA GLU A 81 -17.61 -26.01 -30.05
C GLU A 81 -18.67 -26.86 -30.77
N GLU A 82 -18.77 -28.14 -30.43
CA GLU A 82 -19.79 -29.03 -31.03
C GLU A 82 -21.20 -28.66 -30.56
N LEU A 83 -21.37 -28.42 -29.26
CA LEU A 83 -22.74 -28.17 -28.72
C LEU A 83 -22.97 -26.67 -28.54
N LYS A 84 -22.40 -25.84 -29.41
CA LYS A 84 -22.44 -24.37 -29.30
C LYS A 84 -23.81 -23.76 -29.59
N ASP A 85 -24.60 -24.43 -30.40
CA ASP A 85 -25.90 -23.87 -30.83
C ASP A 85 -26.99 -24.26 -29.85
N SER A 86 -26.64 -24.98 -28.81
CA SER A 86 -27.62 -25.46 -27.82
C SER A 86 -27.11 -25.20 -26.39
N LEU A 87 -25.80 -25.09 -26.21
CA LEU A 87 -25.24 -24.96 -24.85
C LEU A 87 -24.14 -23.89 -24.79
N GLU A 88 -24.09 -23.10 -23.71
CA GLU A 88 -22.98 -22.15 -23.48
C GLU A 88 -22.12 -22.82 -22.42
N ILE A 89 -21.13 -23.57 -22.86
CA ILE A 89 -20.33 -24.37 -21.91
C ILE A 89 -19.22 -23.51 -21.33
N VAL A 90 -19.06 -23.56 -20.01
CA VAL A 90 -18.03 -22.77 -19.28
C VAL A 90 -17.44 -23.77 -18.28
N MET A 91 -16.12 -23.72 -18.08
CA MET A 91 -15.48 -24.66 -17.14
C MET A 91 -15.45 -24.12 -15.72
N ARG A 92 -15.73 -24.98 -14.74
CA ARG A 92 -15.70 -24.59 -13.32
C ARG A 92 -14.29 -24.82 -12.80
N VAL A 93 -13.72 -23.78 -12.18
CA VAL A 93 -12.31 -23.84 -11.73
C VAL A 93 -12.30 -23.55 -10.21
N TYR A 94 -12.32 -24.61 -9.41
CA TYR A 94 -12.37 -24.48 -7.93
C TYR A 94 -11.12 -25.12 -7.32
N PHE A 95 -10.39 -24.36 -6.49
CA PHE A 95 -9.17 -24.88 -5.82
C PHE A 95 -9.50 -25.33 -4.38
N GLU A 96 -8.76 -26.29 -3.85
CA GLU A 96 -9.08 -26.91 -2.57
C GLU A 96 -8.81 -25.97 -1.39
N ASP A 118 1.51 -21.60 0.33
CA ASP A 118 1.73 -20.20 -0.12
C ASP A 118 0.56 -19.71 -0.96
N ILE A 119 -0.18 -18.73 -0.43
CA ILE A 119 -1.29 -18.09 -1.19
C ILE A 119 -0.64 -17.36 -2.37
N ASN A 120 0.51 -16.75 -2.17
CA ASN A 120 1.23 -16.07 -3.29
C ASN A 120 1.46 -17.07 -4.43
N GLU A 121 1.91 -18.29 -4.19
CA GLU A 121 2.06 -19.26 -5.31
C GLU A 121 0.68 -19.75 -5.81
N GLY A 122 -0.23 -20.03 -4.91
CA GLY A 122 -1.56 -20.40 -5.37
C GLY A 122 -2.22 -19.34 -6.20
N LEU A 123 -1.84 -18.09 -6.02
CA LEU A 123 -2.37 -17.01 -6.88
C LEU A 123 -1.79 -17.17 -8.28
N ARG A 124 -0.51 -17.50 -8.36
CA ARG A 124 0.20 -17.66 -9.63
C ARG A 124 -0.36 -18.86 -10.38
N ILE A 125 -0.52 -19.96 -9.66
CA ILE A 125 -1.07 -21.20 -10.27
C ILE A 125 -2.49 -20.93 -10.73
N ALA A 126 -3.34 -20.34 -9.90
CA ALA A 126 -4.74 -20.07 -10.25
C ALA A 126 -4.88 -19.25 -11.53
N ARG A 127 -4.21 -18.12 -11.59
CA ARG A 127 -4.31 -17.18 -12.74
C ARG A 127 -3.67 -17.75 -14.01
N GLU A 128 -2.46 -18.31 -13.91
CA GLU A 128 -1.85 -18.94 -15.12
C GLU A 128 -2.81 -19.98 -15.71
N LEU A 129 -3.46 -20.75 -14.86
CA LEU A 129 -4.45 -21.73 -15.34
C LEU A 129 -5.65 -21.01 -15.95
N LEU A 130 -6.29 -20.10 -15.24
CA LEU A 130 -7.43 -19.41 -15.88
C LEU A 130 -6.94 -18.68 -17.15
N LEU A 131 -5.77 -18.03 -17.18
CA LEU A 131 -5.27 -17.45 -18.45
C LEU A 131 -5.12 -18.47 -19.61
N THR A 132 -4.55 -19.64 -19.35
CA THR A 132 -4.29 -20.66 -20.39
C THR A 132 -5.58 -21.16 -20.93
N ILE A 133 -6.52 -21.45 -20.05
CA ILE A 133 -7.83 -22.00 -20.47
C ILE A 133 -8.63 -20.95 -21.28
N ASN A 134 -8.67 -19.69 -20.85
CA ASN A 134 -9.37 -18.61 -21.62
C ASN A 134 -8.60 -18.32 -22.90
N ASP A 135 -7.27 -18.38 -22.86
CA ASP A 135 -6.45 -18.28 -24.10
C ASP A 135 -6.76 -19.46 -25.02
N GLN A 136 -7.10 -20.64 -24.52
CA GLN A 136 -7.50 -21.74 -25.41
C GLN A 136 -8.96 -21.59 -25.85
N GLY A 137 -9.66 -20.56 -25.37
CA GLY A 137 -11.03 -20.27 -25.83
C GLY A 137 -12.10 -20.90 -25.01
N LEU A 138 -11.76 -21.37 -23.82
CA LEU A 138 -12.75 -21.98 -22.90
C LEU A 138 -13.02 -21.03 -21.72
N PRO A 139 -14.23 -20.40 -21.64
CA PRO A 139 -14.53 -19.47 -20.56
C PRO A 139 -14.54 -20.10 -19.18
N THR A 140 -14.06 -19.38 -18.17
CA THR A 140 -13.92 -19.98 -16.82
C THR A 140 -14.99 -19.51 -15.84
N ALA A 141 -15.33 -20.38 -14.88
CA ALA A 141 -16.36 -20.09 -13.87
C ALA A 141 -15.88 -20.52 -12.49
N GLY A 142 -16.08 -19.65 -11.50
CA GLY A 142 -15.65 -19.98 -10.14
C GLY A 142 -16.59 -19.50 -9.06
N GLU A 143 -16.03 -19.26 -7.89
CA GLU A 143 -16.82 -18.82 -6.73
C GLU A 143 -16.14 -17.63 -6.06
N PHE A 144 -16.95 -16.69 -5.57
CA PHE A 144 -16.43 -15.47 -4.89
C PHE A 144 -16.64 -15.67 -3.42
N LEU A 145 -15.57 -15.96 -2.70
CA LEU A 145 -15.58 -16.27 -1.29
C LEU A 145 -15.38 -15.03 -0.41
N ASP A 146 -14.62 -14.11 -0.99
CA ASP A 146 -14.23 -12.89 -0.29
C ASP A 146 -14.22 -11.69 -1.24
N VAL A 147 -13.82 -10.51 -0.77
CA VAL A 147 -13.84 -9.25 -1.55
C VAL A 147 -12.47 -8.90 -2.11
N ILE A 148 -11.41 -9.53 -1.61
CA ILE A 148 -10.02 -9.17 -2.06
C ILE A 148 -9.60 -10.08 -3.22
N SER A 149 -9.69 -11.40 -3.03
CA SER A 149 -9.25 -12.36 -4.08
C SER A 149 -9.73 -11.94 -5.49
N PRO A 150 -11.02 -11.64 -5.76
CA PRO A 150 -11.43 -11.18 -7.07
C PRO A 150 -10.39 -10.35 -7.79
N GLN A 151 -9.88 -9.30 -7.14
CA GLN A 151 -8.92 -8.38 -7.79
C GLN A 151 -7.75 -9.13 -8.45
N TYR A 152 -7.59 -10.43 -8.17
CA TYR A 152 -6.39 -11.13 -8.73
C TYR A 152 -6.74 -11.93 -9.99
N VAL A 153 -7.98 -12.40 -10.14
CA VAL A 153 -8.29 -13.31 -11.30
C VAL A 153 -9.66 -13.03 -11.94
N ALA A 154 -10.39 -12.04 -11.47
CA ALA A 154 -11.77 -11.84 -11.99
C ALA A 154 -11.82 -11.35 -13.42
N ASP A 155 -10.75 -10.73 -13.89
CA ASP A 155 -10.69 -10.30 -15.30
C ASP A 155 -10.82 -11.55 -16.18
N LEU A 156 -10.73 -12.72 -15.56
CA LEU A 156 -10.71 -13.97 -16.37
C LEU A 156 -11.97 -14.77 -16.12
N MET A 157 -12.90 -14.18 -15.39
CA MET A 157 -14.14 -14.88 -14.98
C MET A 157 -15.29 -14.41 -15.85
N SER A 158 -16.07 -15.37 -16.32
CA SER A 158 -17.19 -15.09 -17.25
C SER A 158 -18.46 -15.35 -16.45
N TRP A 159 -18.31 -15.95 -15.29
CA TRP A 159 -19.41 -16.19 -14.35
C TRP A 159 -18.82 -16.55 -13.00
N GLY A 160 -19.60 -16.38 -11.96
CA GLY A 160 -19.16 -16.73 -10.60
C GLY A 160 -20.33 -16.98 -9.69
N ALA A 161 -20.05 -17.61 -8.57
CA ALA A 161 -21.13 -17.96 -7.65
C ALA A 161 -20.88 -17.44 -6.24
N ILE A 162 -21.98 -17.29 -5.50
CA ILE A 162 -21.91 -16.97 -4.07
C ILE A 162 -22.60 -18.17 -3.42
N GLY A 163 -21.94 -18.84 -2.49
CA GLY A 163 -22.47 -20.06 -1.86
C GLY A 163 -23.61 -19.88 -0.88
N ALA A 164 -24.12 -21.00 -0.37
CA ALA A 164 -25.32 -20.98 0.50
C ALA A 164 -25.03 -20.35 1.86
N ARG A 165 -23.76 -20.30 2.27
CA ARG A 165 -23.43 -19.79 3.63
C ARG A 165 -23.13 -18.28 3.60
N THR A 166 -23.12 -17.67 2.41
CA THR A 166 -22.82 -16.24 2.26
C THR A 166 -23.88 -15.54 1.43
N THR A 167 -24.96 -16.22 1.05
CA THR A 167 -25.95 -15.58 0.14
C THR A 167 -26.73 -14.49 0.88
N GLU A 168 -26.97 -14.68 2.19
CA GLU A 168 -27.68 -13.67 3.01
C GLU A 168 -26.72 -12.56 3.47
N SER A 169 -25.47 -12.61 3.04
CA SER A 169 -24.46 -11.66 3.56
C SER A 169 -24.42 -10.41 2.70
N GLN A 170 -24.59 -9.24 3.32
CA GLN A 170 -24.54 -7.94 2.59
C GLN A 170 -23.21 -7.80 1.87
N ILE A 171 -22.09 -8.04 2.56
CA ILE A 171 -20.77 -7.81 1.91
C ILE A 171 -20.72 -8.62 0.62
N HIS A 172 -21.38 -9.78 0.60
CA HIS A 172 -21.30 -10.63 -0.57
C HIS A 172 -22.15 -10.03 -1.70
N ARG A 173 -23.36 -9.60 -1.34
CA ARG A 173 -24.31 -9.00 -2.33
C ARG A 173 -23.78 -7.64 -2.82
N GLU A 174 -22.96 -6.96 -2.04
CA GLU A 174 -22.31 -5.70 -2.50
C GLU A 174 -21.12 -6.01 -3.45
N LEU A 175 -20.39 -7.09 -3.21
CA LEU A 175 -19.34 -7.52 -4.15
C LEU A 175 -19.98 -7.98 -5.46
N ALA A 176 -21.11 -8.64 -5.38
CA ALA A 176 -21.83 -9.06 -6.61
C ALA A 176 -22.31 -7.83 -7.34
N SER A 177 -22.76 -6.84 -6.61
CA SER A 177 -23.18 -5.54 -7.23
C SER A 177 -22.07 -4.95 -8.13
N GLY A 178 -20.82 -5.20 -7.82
CA GLY A 178 -19.72 -4.62 -8.59
C GLY A 178 -18.85 -5.63 -9.30
N LEU A 179 -19.39 -6.81 -9.60
CA LEU A 179 -18.63 -7.83 -10.34
C LEU A 179 -18.92 -7.64 -11.84
N SER A 180 -17.88 -7.77 -12.67
CA SER A 180 -17.99 -7.57 -14.14
C SER A 180 -18.59 -8.79 -14.84
N CYS A 181 -18.90 -9.84 -14.09
CA CYS A 181 -19.49 -11.10 -14.61
C CYS A 181 -20.89 -11.37 -14.02
N PRO A 182 -21.76 -12.11 -14.73
CA PRO A 182 -23.04 -12.55 -14.17
C PRO A 182 -22.83 -13.36 -12.90
N VAL A 183 -23.69 -13.21 -11.88
CA VAL A 183 -23.41 -13.92 -10.60
C VAL A 183 -24.55 -14.87 -10.21
N GLY A 184 -24.23 -15.98 -9.55
CA GLY A 184 -25.27 -16.90 -9.15
C GLY A 184 -25.37 -17.00 -7.65
N PHE A 185 -26.53 -16.71 -7.10
CA PHE A 185 -26.70 -16.81 -5.68
C PHE A 185 -27.32 -18.17 -5.32
N LYS A 186 -26.63 -18.95 -4.52
CA LYS A 186 -27.15 -20.27 -4.12
C LYS A 186 -28.21 -20.09 -3.02
N ASN A 187 -29.19 -20.98 -2.94
CA ASN A 187 -30.21 -20.93 -1.86
C ASN A 187 -29.50 -21.28 -0.55
N GLY A 188 -30.23 -21.26 0.56
CA GLY A 188 -29.67 -21.60 1.86
C GLY A 188 -29.46 -23.09 2.06
N THR A 189 -28.80 -23.46 3.13
CA THR A 189 -28.45 -24.86 3.39
C THR A 189 -29.65 -25.58 3.92
N ASP A 190 -30.75 -24.85 4.16
CA ASP A 190 -32.03 -25.44 4.60
C ASP A 190 -32.96 -25.45 3.40
N GLY A 191 -32.56 -24.77 2.32
CA GLY A 191 -33.38 -24.69 1.10
C GLY A 191 -34.15 -23.41 1.03
N THR A 192 -33.59 -22.29 1.50
CA THR A 192 -34.35 -21.02 1.56
C THR A 192 -34.17 -20.25 0.29
N ILE A 193 -35.28 -19.90 -0.37
CA ILE A 193 -35.19 -19.22 -1.69
C ILE A 193 -35.14 -17.71 -1.47
N LYS A 194 -35.91 -17.20 -0.51
CA LYS A 194 -35.99 -15.73 -0.25
C LYS A 194 -34.59 -15.09 -0.23
N ILE A 195 -33.69 -15.57 0.64
CA ILE A 195 -32.35 -14.93 0.79
C ILE A 195 -31.75 -14.60 -0.60
N ALA A 196 -32.00 -15.45 -1.61
CA ALA A 196 -31.44 -15.28 -2.96
C ALA A 196 -32.29 -14.31 -3.77
N ILE A 197 -33.60 -14.35 -3.59
CA ILE A 197 -34.47 -13.37 -4.24
C ILE A 197 -34.13 -12.00 -3.64
N ASP A 198 -33.75 -12.00 -2.36
CA ASP A 198 -33.32 -10.76 -1.66
C ASP A 198 -31.90 -10.43 -2.09
N ALA A 199 -31.07 -11.44 -2.26
CA ALA A 199 -29.70 -11.28 -2.79
C ALA A 199 -29.74 -10.72 -4.21
N ILE A 200 -30.55 -11.32 -5.09
CA ILE A 200 -30.65 -10.80 -6.49
C ILE A 200 -31.06 -9.32 -6.40
N ASN A 201 -32.15 -9.04 -5.69
CA ASN A 201 -32.65 -7.63 -5.57
C ASN A 201 -31.51 -6.71 -5.16
N SER A 202 -30.94 -6.91 -3.97
CA SER A 202 -29.87 -6.01 -3.46
C SER A 202 -28.78 -5.81 -4.53
N ALA A 203 -28.30 -6.90 -5.14
CA ALA A 203 -27.17 -6.80 -6.09
C ALA A 203 -27.46 -5.85 -7.25
N ARG A 204 -28.74 -5.65 -7.61
CA ARG A 204 -29.09 -4.78 -8.76
C ARG A 204 -28.93 -3.30 -8.34
N SER A 205 -28.73 -3.04 -7.05
CA SER A 205 -28.61 -1.66 -6.53
C SER A 205 -27.14 -1.30 -6.38
N ALA A 206 -26.84 -0.01 -6.42
CA ALA A 206 -25.46 0.45 -6.24
C ALA A 206 -25.12 0.35 -4.77
N HIS A 207 -23.91 -0.10 -4.50
CA HIS A 207 -23.53 -0.36 -3.11
C HIS A 207 -22.10 0.08 -2.83
N SER A 208 -21.66 -0.24 -1.63
CA SER A 208 -20.30 0.13 -1.19
C SER A 208 -19.68 -1.00 -0.37
N PHE A 209 -18.41 -1.28 -0.60
CA PHE A 209 -17.66 -2.25 0.23
C PHE A 209 -16.20 -1.78 0.32
N LEU A 210 -15.48 -2.28 1.33
CA LEU A 210 -14.03 -1.98 1.45
C LEU A 210 -13.25 -3.16 0.86
N SER A 211 -12.33 -2.89 -0.06
CA SER A 211 -11.48 -3.97 -0.66
C SER A 211 -10.06 -3.45 -0.83
N VAL A 212 -9.29 -4.04 -1.75
CA VAL A 212 -7.92 -3.54 -2.04
C VAL A 212 -7.89 -3.05 -3.49
N THR A 213 -7.09 -2.06 -3.82
CA THR A 213 -6.93 -1.64 -5.23
C THR A 213 -6.10 -2.68 -5.98
N LYS A 214 -5.91 -2.49 -7.28
CA LYS A 214 -5.04 -3.38 -8.08
C LYS A 214 -3.57 -3.19 -7.64
N TRP A 215 -3.30 -2.26 -6.75
CA TRP A 215 -1.96 -1.99 -6.21
C TRP A 215 -1.83 -2.54 -4.81
N GLY A 216 -2.89 -3.12 -4.27
CA GLY A 216 -2.84 -3.81 -2.96
C GLY A 216 -3.17 -2.90 -1.84
N HIS A 217 -3.96 -1.89 -2.14
CA HIS A 217 -4.18 -0.87 -1.11
C HIS A 217 -5.63 -0.75 -0.64
N SER A 218 -5.80 -0.65 0.67
CA SER A 218 -7.11 -0.40 1.31
C SER A 218 -7.94 0.61 0.51
N ALA A 219 -9.17 0.25 0.15
CA ALA A 219 -9.96 1.09 -0.75
C ALA A 219 -11.45 1.08 -0.47
N ILE A 220 -12.13 2.06 -1.06
CA ILE A 220 -13.61 2.09 -1.01
C ILE A 220 -14.03 1.78 -2.45
N VAL A 221 -14.89 0.79 -2.59
CA VAL A 221 -15.37 0.39 -3.95
C VAL A 221 -16.82 0.82 -4.06
N ASN A 222 -17.10 1.70 -5.01
CA ASN A 222 -18.49 2.12 -5.29
C ASN A 222 -19.00 1.30 -6.48
N THR A 223 -20.18 0.68 -6.33
CA THR A 223 -20.73 -0.21 -7.37
C THR A 223 -21.87 0.46 -8.09
N SER A 224 -22.18 -0.02 -9.30
CA SER A 224 -23.28 0.54 -10.08
C SER A 224 -24.42 -0.48 -10.06
N GLY A 225 -24.16 -1.67 -9.51
CA GLY A 225 -25.19 -2.68 -9.46
C GLY A 225 -25.16 -3.60 -10.67
N ASN A 226 -25.63 -4.84 -10.46
CA ASN A 226 -25.43 -5.94 -11.42
C ASN A 226 -26.80 -6.52 -11.72
N PRO A 227 -27.39 -6.28 -12.90
CA PRO A 227 -28.69 -6.84 -13.21
C PRO A 227 -28.54 -8.31 -13.56
N ASP A 228 -27.34 -8.82 -13.79
CA ASP A 228 -27.17 -10.21 -14.31
C ASP A 228 -26.95 -11.22 -13.18
N CYS A 229 -27.80 -11.17 -12.17
CA CYS A 229 -27.65 -12.05 -10.98
C CYS A 229 -28.87 -12.98 -10.95
N HIS A 230 -28.67 -14.21 -10.49
CA HIS A 230 -29.74 -15.23 -10.57
C HIS A 230 -29.61 -16.24 -9.45
N ILE A 231 -30.64 -17.06 -9.32
CA ILE A 231 -30.67 -18.08 -8.23
C ILE A 231 -30.08 -19.43 -8.67
N ILE A 232 -29.37 -20.07 -7.75
CA ILE A 232 -28.88 -21.46 -7.99
C ILE A 232 -29.62 -22.40 -7.02
N LEU A 233 -30.38 -23.33 -7.59
CA LEU A 233 -31.03 -24.36 -6.76
C LEU A 233 -29.98 -25.45 -6.51
N ARG A 234 -29.37 -25.47 -5.33
CA ARG A 234 -28.25 -26.40 -5.03
C ARG A 234 -28.68 -27.51 -4.06
N GLY A 235 -29.81 -27.35 -3.38
CA GLY A 235 -30.34 -28.42 -2.50
C GLY A 235 -30.79 -27.89 -1.15
N GLY A 236 -30.68 -28.72 -0.09
CA GLY A 236 -31.03 -28.27 1.26
C GLY A 236 -31.32 -29.48 2.13
N LYS A 237 -32.40 -29.44 2.91
CA LYS A 237 -32.78 -30.65 3.70
C LYS A 237 -33.06 -31.79 2.70
N GLU A 238 -33.90 -31.52 1.69
CA GLU A 238 -34.17 -32.53 0.62
C GLU A 238 -33.81 -31.86 -0.71
N PRO A 239 -33.71 -32.56 -1.86
CA PRO A 239 -33.43 -31.85 -3.12
C PRO A 239 -34.48 -30.81 -3.48
N ASN A 240 -34.20 -29.99 -4.51
CA ASN A 240 -35.11 -28.92 -4.90
C ASN A 240 -35.14 -28.75 -6.42
N TYR A 241 -35.03 -29.83 -7.19
CA TYR A 241 -34.94 -29.69 -8.67
C TYR A 241 -36.21 -30.21 -9.34
N SER A 242 -37.19 -30.63 -8.58
CA SER A 242 -38.38 -31.16 -9.28
C SER A 242 -39.14 -30.02 -9.94
N ALA A 243 -40.02 -30.35 -10.86
CA ALA A 243 -40.82 -29.35 -11.58
C ALA A 243 -41.56 -28.48 -10.57
N GLU A 244 -41.94 -29.08 -9.46
CA GLU A 244 -42.71 -28.40 -8.41
C GLU A 244 -41.89 -27.31 -7.70
N HIS A 245 -40.61 -27.57 -7.46
CA HIS A 245 -39.74 -26.60 -6.77
C HIS A 245 -39.47 -25.45 -7.72
N VAL A 246 -39.22 -25.75 -8.99
CA VAL A 246 -38.92 -24.71 -10.01
C VAL A 246 -40.18 -23.85 -10.16
N LYS A 247 -41.32 -24.49 -10.27
CA LYS A 247 -42.58 -23.75 -10.32
C LYS A 247 -42.76 -22.78 -9.13
N ALA A 248 -42.47 -23.25 -7.92
CA ALA A 248 -42.68 -22.50 -6.71
C ALA A 248 -41.59 -21.42 -6.62
N VAL A 249 -40.35 -21.75 -7.06
CA VAL A 249 -39.25 -20.78 -7.15
C VAL A 249 -39.48 -19.73 -8.23
N ARG A 250 -40.04 -20.10 -9.37
CA ARG A 250 -40.33 -19.15 -10.48
C ARG A 250 -41.51 -18.24 -10.10
N GLU A 251 -42.51 -18.76 -9.38
CA GLU A 251 -43.59 -17.89 -8.91
C GLU A 251 -43.04 -16.93 -7.85
N GLY A 252 -42.09 -17.43 -7.05
CA GLY A 252 -41.38 -16.68 -6.01
C GLY A 252 -40.61 -15.50 -6.59
N LEU A 253 -40.05 -15.69 -7.80
CA LEU A 253 -39.27 -14.65 -8.45
C LEU A 253 -40.23 -13.71 -9.15
N ILE A 254 -41.32 -14.25 -9.67
CA ILE A 254 -42.25 -13.43 -10.43
C ILE A 254 -42.88 -12.40 -9.49
N ASN A 255 -43.32 -12.86 -8.32
CA ASN A 255 -44.04 -11.98 -7.43
C ASN A 255 -43.08 -10.83 -7.21
N ALA A 256 -41.79 -11.19 -7.08
CA ALA A 256 -40.84 -10.22 -6.57
C ALA A 256 -40.45 -9.27 -7.69
N GLY A 257 -41.01 -9.48 -8.86
CA GLY A 257 -40.82 -8.64 -10.03
C GLY A 257 -39.51 -8.91 -10.76
N LEU A 258 -39.01 -10.14 -10.62
CA LEU A 258 -37.70 -10.52 -11.15
C LEU A 258 -37.84 -11.54 -12.31
N ILE A 259 -37.03 -11.32 -13.39
CA ILE A 259 -36.92 -12.30 -14.49
C ILE A 259 -36.87 -13.71 -13.88
N PRO A 260 -37.84 -14.57 -14.17
CA PRO A 260 -37.77 -15.97 -13.76
C PRO A 260 -36.72 -16.79 -14.52
N SER A 261 -35.46 -16.60 -14.07
CA SER A 261 -34.23 -17.18 -14.63
C SER A 261 -33.49 -18.02 -13.62
N ILE A 262 -33.60 -19.36 -13.76
CA ILE A 262 -33.19 -20.32 -12.75
C ILE A 262 -32.02 -21.22 -13.19
N MET A 263 -31.16 -21.57 -12.20
CA MET A 263 -30.01 -22.41 -12.46
C MET A 263 -30.04 -23.54 -11.48
N ILE A 264 -29.96 -24.82 -12.03
CA ILE A 264 -30.08 -26.00 -11.20
C ILE A 264 -28.69 -26.62 -11.07
N ASP A 265 -28.24 -26.77 -9.83
CA ASP A 265 -26.98 -27.41 -9.52
C ASP A 265 -27.30 -28.86 -9.24
N PHE A 266 -26.82 -29.74 -10.15
CA PHE A 266 -27.15 -31.15 -10.09
C PHE A 266 -26.48 -31.74 -8.87
N SER A 267 -25.43 -31.05 -8.37
CA SER A 267 -24.49 -31.65 -7.41
C SER A 267 -24.84 -31.26 -5.98
N HIS A 268 -23.86 -31.42 -5.08
CA HIS A 268 -23.93 -30.96 -3.70
C HIS A 268 -25.12 -31.65 -3.02
N ALA A 269 -26.12 -30.89 -2.60
CA ALA A 269 -27.24 -31.43 -1.82
C ALA A 269 -28.52 -31.65 -2.67
N ASN A 270 -28.48 -31.44 -3.99
CA ASN A 270 -29.50 -31.92 -4.91
C ASN A 270 -29.28 -33.40 -5.25
N SER A 271 -28.02 -33.86 -5.05
CA SER A 271 -27.67 -35.26 -5.27
C SER A 271 -26.96 -35.84 -4.06
N SER A 272 -27.65 -35.90 -2.91
CA SER A 272 -27.16 -36.54 -1.70
C SER A 272 -28.27 -36.50 -0.63
N PHE A 275 -22.79 -38.31 -8.54
CA PHE A 275 -22.40 -39.27 -9.61
C PHE A 275 -23.66 -39.89 -10.16
N GLU A 276 -24.04 -41.05 -9.65
CA GLU A 276 -25.21 -41.78 -10.21
C GLU A 276 -26.48 -40.92 -10.10
N LYS A 277 -26.59 -40.09 -9.06
CA LYS A 277 -27.80 -39.26 -8.85
C LYS A 277 -27.71 -38.00 -9.74
N GLN A 278 -26.56 -37.37 -9.80
CA GLN A 278 -26.38 -36.18 -10.65
C GLN A 278 -26.84 -36.48 -12.07
N MET A 279 -26.82 -37.75 -12.48
CA MET A 279 -27.30 -38.15 -13.82
C MET A 279 -28.81 -38.33 -13.79
N GLU A 280 -29.38 -38.68 -12.63
CA GLU A 280 -30.86 -38.75 -12.52
C GLU A 280 -31.37 -37.32 -12.56
N VAL A 281 -30.69 -36.42 -11.84
CA VAL A 281 -31.10 -34.97 -11.85
C VAL A 281 -31.02 -34.47 -13.30
N ALA A 282 -30.06 -34.97 -14.09
CA ALA A 282 -29.94 -34.50 -15.47
C ALA A 282 -31.15 -34.90 -16.31
N THR A 283 -31.58 -36.17 -16.22
CA THR A 283 -32.78 -36.63 -16.91
C THR A 283 -34.03 -35.91 -16.39
N ASP A 284 -34.13 -35.71 -15.08
CA ASP A 284 -35.27 -34.96 -14.53
C ASP A 284 -35.38 -33.55 -15.15
N VAL A 285 -34.22 -32.90 -15.25
CA VAL A 285 -34.11 -31.54 -15.77
C VAL A 285 -34.33 -31.54 -17.28
N SER A 286 -33.72 -32.53 -17.98
CA SER A 286 -33.84 -32.64 -19.43
C SER A 286 -35.28 -32.80 -19.82
N THR A 287 -36.07 -33.47 -18.99
CA THR A 287 -37.47 -33.70 -19.32
C THR A 287 -38.29 -32.44 -19.19
N GLN A 288 -37.96 -31.60 -18.21
CA GLN A 288 -38.65 -30.32 -18.00
C GLN A 288 -38.34 -29.33 -19.12
N LEU A 289 -37.10 -29.28 -19.58
CA LEU A 289 -36.69 -28.40 -20.70
C LEU A 289 -37.41 -28.83 -21.98
N SER A 290 -37.30 -30.13 -22.32
CA SER A 290 -38.02 -30.65 -23.51
C SER A 290 -39.47 -30.16 -23.45
N GLN A 291 -40.13 -30.39 -22.31
CA GLN A 291 -41.53 -29.92 -22.13
C GLN A 291 -41.60 -28.46 -22.62
N GLY A 292 -40.71 -27.60 -22.12
CA GLY A 292 -40.67 -26.20 -22.59
C GLY A 292 -40.34 -25.24 -21.47
N ASP A 293 -39.87 -25.73 -20.33
CA ASP A 293 -39.62 -24.81 -19.18
C ASP A 293 -38.52 -23.82 -19.56
N ARG A 294 -38.93 -22.67 -20.09
CA ARG A 294 -37.92 -21.66 -20.50
C ARG A 294 -37.30 -21.04 -19.23
N SER A 295 -37.87 -21.32 -18.05
CA SER A 295 -37.32 -20.67 -16.86
C SER A 295 -36.03 -21.30 -16.35
N ILE A 296 -35.68 -22.47 -16.90
CA ILE A 296 -34.41 -23.12 -16.57
C ILE A 296 -33.37 -22.64 -17.57
N THR A 297 -32.50 -21.73 -17.15
CA THR A 297 -31.57 -21.10 -18.09
C THR A 297 -30.14 -21.59 -17.90
N GLY A 298 -29.94 -22.50 -17.00
CA GLY A 298 -28.60 -22.85 -16.57
C GLY A 298 -28.58 -24.10 -15.66
N VAL A 299 -27.45 -24.80 -15.73
CA VAL A 299 -27.29 -26.04 -14.92
C VAL A 299 -25.89 -25.99 -14.29
N MET A 300 -25.66 -26.84 -13.30
CA MET A 300 -24.32 -26.95 -12.70
C MET A 300 -24.02 -28.45 -12.54
N ILE A 301 -22.88 -28.90 -13.06
CA ILE A 301 -22.47 -30.34 -13.04
C ILE A 301 -21.02 -30.43 -12.52
N GLU A 302 -20.75 -31.36 -11.62
CA GLU A 302 -19.37 -31.60 -11.11
C GLU A 302 -18.75 -32.81 -11.85
N SER A 303 -17.74 -32.56 -12.70
CA SER A 303 -17.15 -33.63 -13.54
C SER A 303 -15.62 -33.76 -13.48
N HIS A 304 -15.12 -34.96 -13.20
CA HIS A 304 -13.67 -35.28 -13.27
C HIS A 304 -13.37 -36.25 -14.44
N LEU A 305 -12.10 -36.58 -14.72
CA LEU A 305 -11.69 -37.43 -15.85
C LEU A 305 -11.68 -38.91 -15.42
N VAL A 306 -10.84 -39.17 -14.38
CA VAL A 306 -10.43 -40.49 -13.92
C VAL A 306 -11.41 -41.04 -12.87
N CYS A 328 -18.94 -36.01 -8.32
CA CYS A 328 -18.00 -35.85 -9.47
C CYS A 328 -18.17 -37.03 -10.43
N ILE A 329 -18.71 -36.79 -11.63
CA ILE A 329 -18.95 -37.88 -12.61
C ILE A 329 -17.71 -38.03 -13.51
N GLY A 330 -17.55 -39.19 -14.15
CA GLY A 330 -16.43 -39.36 -15.06
C GLY A 330 -16.66 -38.69 -16.40
N TRP A 331 -15.61 -38.75 -17.23
CA TRP A 331 -15.62 -38.13 -18.54
C TRP A 331 -16.70 -38.71 -19.42
N ASP A 332 -16.97 -40.01 -19.28
CA ASP A 332 -17.89 -40.66 -20.21
C ASP A 332 -19.29 -40.15 -19.92
N ASP A 333 -19.57 -39.97 -18.65
CA ASP A 333 -20.92 -39.50 -18.24
C ASP A 333 -21.06 -38.02 -18.61
N THR A 334 -19.94 -37.30 -18.67
CA THR A 334 -20.02 -35.92 -19.05
C THR A 334 -20.42 -35.79 -20.47
N GLU A 335 -19.70 -36.47 -21.37
CA GLU A 335 -20.17 -36.42 -22.75
C GLU A 335 -21.68 -36.72 -22.77
N LYS A 336 -22.11 -37.79 -22.13
CA LYS A 336 -23.49 -38.21 -22.21
C LYS A 336 -24.42 -37.10 -21.76
N VAL A 337 -24.13 -36.45 -20.60
CA VAL A 337 -25.11 -35.53 -19.99
C VAL A 337 -25.13 -34.22 -20.80
N LEU A 338 -23.95 -33.78 -21.31
CA LEU A 338 -23.97 -32.62 -22.13
C LEU A 338 -24.79 -32.93 -23.35
N ARG A 339 -24.61 -34.10 -23.93
CA ARG A 339 -25.31 -34.39 -25.17
C ARG A 339 -26.79 -34.51 -24.84
N GLN A 340 -27.12 -35.00 -23.64
CA GLN A 340 -28.51 -35.11 -23.21
C GLN A 340 -29.22 -33.74 -23.16
N LEU A 341 -28.57 -32.80 -22.45
CA LEU A 341 -29.10 -31.46 -22.21
C LEU A 341 -29.13 -30.73 -23.52
N SER A 342 -28.19 -31.01 -24.41
CA SER A 342 -28.24 -30.38 -25.71
C SER A 342 -29.52 -30.70 -26.43
N GLU A 343 -29.87 -32.00 -26.45
CA GLU A 343 -31.07 -32.54 -27.13
C GLU A 343 -32.32 -31.97 -26.46
N ALA A 344 -32.35 -31.80 -25.12
CA ALA A 344 -33.53 -31.21 -24.47
C ALA A 344 -33.74 -29.74 -24.85
N VAL A 345 -32.61 -29.01 -25.03
CA VAL A 345 -32.68 -27.61 -25.46
C VAL A 345 -33.24 -27.52 -26.87
N ILE A 346 -32.63 -28.27 -27.82
CA ILE A 346 -33.21 -28.52 -29.13
C ILE A 346 -34.72 -28.87 -29.00
N ALA A 347 -35.07 -29.81 -28.15
CA ALA A 347 -36.50 -30.13 -27.98
C ALA A 347 -37.30 -28.92 -27.46
N ARG A 348 -36.73 -28.15 -26.54
CA ARG A 348 -37.42 -26.93 -26.01
C ARG A 348 -37.79 -25.98 -27.17
N ARG A 349 -37.02 -25.91 -28.23
CA ARG A 349 -37.33 -24.91 -29.27
C ARG A 349 -38.57 -25.30 -30.08
N ASN A 350 -39.08 -26.53 -29.95
CA ASN A 350 -40.15 -27.00 -30.84
C ASN A 350 -41.53 -26.97 -30.21
N LYS A 351 -41.63 -27.28 -28.93
CA LYS A 351 -42.88 -27.09 -28.18
C LYS A 351 -43.19 -25.56 -28.06
N ASN B 2 -10.45 -1.51 -25.71
CA ASN B 2 -11.82 -2.00 -26.02
C ASN B 2 -12.13 -3.23 -25.17
N TYR B 3 -13.26 -3.90 -25.33
CA TYR B 3 -13.46 -5.10 -24.45
C TYR B 3 -13.02 -4.75 -23.03
N GLN B 4 -13.72 -3.81 -22.40
CA GLN B 4 -13.46 -3.48 -20.98
C GLN B 4 -13.92 -4.66 -20.14
N ASN B 5 -12.98 -5.41 -19.58
CA ASN B 5 -13.35 -6.64 -18.82
C ASN B 5 -13.19 -6.38 -17.32
N ASP B 6 -12.63 -5.24 -16.97
CA ASP B 6 -12.36 -4.95 -15.54
C ASP B 6 -13.18 -3.77 -15.01
N ASP B 7 -13.66 -3.89 -13.78
CA ASP B 7 -14.33 -2.76 -13.08
C ASP B 7 -15.44 -2.18 -13.97
N VAL B 8 -16.20 -3.04 -14.65
CA VAL B 8 -17.32 -2.60 -15.52
C VAL B 8 -18.47 -2.12 -14.63
N ARG B 9 -18.60 -2.70 -13.43
CA ARG B 9 -19.72 -2.39 -12.49
C ARG B 9 -19.16 -1.69 -11.25
N VAL B 10 -17.95 -1.18 -11.33
CA VAL B 10 -17.34 -0.39 -10.24
C VAL B 10 -17.46 1.08 -10.66
N LYS B 11 -18.18 1.89 -9.89
CA LYS B 11 -18.41 3.28 -10.33
C LYS B 11 -17.16 4.10 -9.96
N GLN B 12 -16.53 3.78 -8.84
CA GLN B 12 -15.29 4.46 -8.42
C GLN B 12 -14.56 3.60 -7.38
N ILE B 13 -13.24 3.56 -7.43
CA ILE B 13 -12.44 2.91 -6.36
C ILE B 13 -11.59 4.05 -5.80
N LYS B 14 -11.67 4.27 -4.51
CA LYS B 14 -10.86 5.34 -3.90
C LYS B 14 -9.97 4.74 -2.82
N GLU B 15 -8.75 5.23 -2.75
CA GLU B 15 -7.87 4.76 -1.66
C GLU B 15 -8.39 5.32 -0.34
N LEU B 16 -8.45 4.43 0.65
CA LEU B 16 -8.91 4.74 2.01
C LEU B 16 -7.67 4.87 2.88
N LEU B 17 -7.72 5.75 3.86
CA LEU B 17 -6.55 5.99 4.71
C LEU B 17 -6.04 4.64 5.19
N PRO B 18 -4.72 4.48 5.43
CA PRO B 18 -4.24 3.25 6.03
C PRO B 18 -4.70 3.19 7.47
N PRO B 19 -4.89 1.99 8.04
CA PRO B 19 -5.24 1.91 9.45
C PRO B 19 -4.26 2.66 10.35
N ILE B 20 -2.99 2.83 9.93
CA ILE B 20 -1.91 3.46 10.73
C ILE B 20 -2.18 4.97 10.86
N ALA B 21 -2.77 5.56 9.85
CA ALA B 21 -3.12 7.00 9.92
C ALA B 21 -4.27 7.23 10.92
N LEU B 22 -5.03 6.20 11.25
CA LEU B 22 -6.16 6.33 12.19
C LEU B 22 -5.68 6.09 13.61
N LEU B 23 -4.69 5.23 13.76
CA LEU B 23 -4.14 4.89 15.09
C LEU B 23 -3.07 5.91 15.47
N GLU B 24 -2.59 6.66 14.49
CA GLU B 24 -1.62 7.74 14.74
C GLU B 24 -2.37 9.01 15.16
N LYS B 25 -3.41 9.39 14.43
CA LYS B 25 -4.23 10.57 14.79
C LYS B 25 -4.95 10.31 16.12
N PHE B 26 -5.47 9.10 16.31
CA PHE B 26 -6.23 8.78 17.55
C PHE B 26 -5.59 7.62 18.24
N PRO B 27 -4.40 7.79 18.85
CA PRO B 27 -3.75 6.74 19.59
C PRO B 27 -4.44 6.40 20.88
N ALA B 28 -4.43 5.11 21.22
CA ALA B 28 -5.02 4.65 22.48
C ALA B 28 -4.29 5.32 23.64
N THR B 29 -5.02 5.56 24.72
CA THR B 29 -4.44 6.18 25.89
C THR B 29 -4.25 5.06 26.86
N ASP B 30 -3.40 5.25 27.85
CA ASP B 30 -3.16 4.21 28.86
C ASP B 30 -4.50 3.84 29.49
N LYS B 31 -5.34 4.83 29.72
CA LYS B 31 -6.68 4.60 30.31
C LYS B 31 -7.58 3.85 29.33
N ALA B 32 -7.48 4.19 28.05
CA ALA B 32 -8.27 3.46 27.06
C ALA B 32 -7.74 2.05 26.88
N ALA B 33 -6.43 1.85 26.84
CA ALA B 33 -5.83 0.51 26.76
C ALA B 33 -6.26 -0.42 27.90
N PHE B 34 -6.24 0.06 29.13
CA PHE B 34 -6.55 -0.76 30.33
C PHE B 34 -8.03 -1.09 30.45
N THR B 35 -8.89 -0.26 29.91
CA THR B 35 -10.35 -0.51 29.93
C THR B 35 -10.66 -1.65 28.99
N VAL B 36 -10.04 -1.66 27.82
CA VAL B 36 -10.23 -2.73 26.82
C VAL B 36 -9.68 -4.03 27.39
N HIS B 37 -8.53 -3.97 28.02
CA HIS B 37 -7.83 -5.16 28.52
C HIS B 37 -8.59 -5.79 29.69
N GLU B 38 -9.12 -4.96 30.56
CA GLU B 38 -9.73 -5.44 31.80
C GLU B 38 -11.13 -5.91 31.49
N ALA B 39 -11.79 -5.28 30.53
CA ALA B 39 -13.16 -5.66 30.14
C ALA B 39 -13.12 -6.98 29.39
N ARG B 40 -12.21 -7.09 28.44
CA ARG B 40 -12.01 -8.34 27.68
C ARG B 40 -11.64 -9.46 28.67
N HIS B 41 -10.93 -9.20 29.73
CA HIS B 41 -10.59 -10.29 30.68
C HIS B 41 -11.79 -10.59 31.54
N ALA B 42 -12.57 -9.55 31.80
CA ALA B 42 -13.72 -9.70 32.66
C ALA B 42 -14.85 -10.43 31.91
N ILE B 43 -15.04 -10.09 30.65
CA ILE B 43 -16.07 -10.72 29.78
C ILE B 43 -15.75 -12.21 29.65
N HIS B 44 -14.47 -12.54 29.48
CA HIS B 44 -13.99 -13.94 29.42
C HIS B 44 -14.33 -14.71 30.69
N ASN B 45 -14.03 -14.14 31.84
CA ASN B 45 -14.24 -14.84 33.14
C ASN B 45 -15.73 -15.07 33.39
N ILE B 46 -16.59 -14.18 32.92
CA ILE B 46 -18.06 -14.35 33.02
C ILE B 46 -18.51 -15.47 32.08
N LEU B 47 -18.03 -15.47 30.84
CA LEU B 47 -18.41 -16.47 29.80
C LEU B 47 -17.99 -17.86 30.22
N VAL B 48 -16.97 -18.02 31.03
CA VAL B 48 -16.41 -19.34 31.47
C VAL B 48 -16.90 -19.76 32.87
N GLY B 49 -17.64 -18.91 33.55
CA GLY B 49 -18.18 -19.23 34.89
C GLY B 49 -17.30 -18.79 36.03
N LYS B 50 -16.25 -18.05 35.77
CA LYS B 50 -15.33 -17.72 36.90
C LYS B 50 -15.91 -16.49 37.61
N ASP B 51 -16.73 -15.72 36.90
CA ASP B 51 -17.39 -14.52 37.44
C ASP B 51 -18.89 -14.76 37.38
N ASP B 52 -19.58 -14.44 38.48
CA ASP B 52 -21.05 -14.62 38.58
C ASP B 52 -21.75 -13.40 37.99
N ARG B 53 -20.97 -12.37 37.68
CA ARG B 53 -21.55 -11.13 37.13
C ARG B 53 -22.08 -11.40 35.74
N LEU B 54 -23.00 -10.56 35.28
CA LEU B 54 -23.56 -10.68 33.92
C LEU B 54 -22.96 -9.63 33.00
N VAL B 55 -22.73 -10.00 31.75
CA VAL B 55 -22.28 -9.00 30.74
C VAL B 55 -23.55 -8.29 30.27
N VAL B 56 -23.45 -6.96 30.17
CA VAL B 56 -24.58 -6.10 29.72
C VAL B 56 -24.06 -5.20 28.59
N VAL B 57 -24.39 -5.55 27.35
CA VAL B 57 -24.05 -4.71 26.17
C VAL B 57 -25.30 -3.85 25.88
N ILE B 58 -25.29 -2.62 26.37
CA ILE B 58 -26.47 -1.72 26.22
C ILE B 58 -25.99 -0.43 25.55
N GLY B 59 -26.79 0.08 24.64
CA GLY B 59 -26.44 1.34 24.00
C GLY B 59 -27.44 1.69 22.96
N PRO B 60 -27.30 2.88 22.37
CA PRO B 60 -28.20 3.30 21.32
C PRO B 60 -28.39 2.35 20.16
N CYS B 61 -29.53 2.48 19.49
CA CYS B 61 -29.85 1.65 18.31
C CYS B 61 -28.95 2.11 17.15
N SER B 62 -28.76 3.43 17.00
CA SER B 62 -27.86 4.00 15.96
C SER B 62 -27.26 5.32 16.46
N ILE B 63 -26.02 5.60 16.12
CA ILE B 63 -25.35 6.84 16.60
C ILE B 63 -25.24 7.83 15.44
N HIS B 64 -26.05 8.89 15.46
CA HIS B 64 -25.95 9.98 14.45
C HIS B 64 -25.30 11.20 15.08
N ASP B 65 -25.26 11.25 16.40
CA ASP B 65 -24.71 12.42 17.12
C ASP B 65 -23.75 11.94 18.19
N THR B 66 -22.55 12.51 18.25
CA THR B 66 -21.53 12.06 19.19
C THR B 66 -21.70 12.77 20.50
N LYS B 67 -22.29 13.95 20.49
CA LYS B 67 -22.61 14.64 21.76
C LYS B 67 -23.66 13.80 22.50
N ALA B 68 -24.67 13.34 21.79
CA ALA B 68 -25.72 12.51 22.38
C ALA B 68 -25.13 11.19 22.88
N ALA B 69 -24.13 10.66 22.17
CA ALA B 69 -23.49 9.39 22.57
C ALA B 69 -22.59 9.62 23.76
N LEU B 70 -21.90 10.75 23.78
CA LEU B 70 -20.95 11.05 24.89
C LEU B 70 -21.73 11.44 26.17
N GLU B 71 -22.95 11.92 26.04
CA GLU B 71 -23.80 12.20 27.24
C GLU B 71 -24.34 10.87 27.78
N TYR B 72 -24.71 9.95 26.91
CA TYR B 72 -25.15 8.61 27.35
C TYR B 72 -24.00 7.91 27.99
N ALA B 73 -22.80 8.12 27.46
CA ALA B 73 -21.58 7.50 28.01
C ALA B 73 -21.34 7.93 29.44
N GLU B 74 -21.48 9.20 29.71
CA GLU B 74 -21.29 9.72 31.10
C GLU B 74 -22.33 9.13 32.06
N ARG B 75 -23.59 9.10 31.64
CA ARG B 75 -24.66 8.53 32.50
C ARG B 75 -24.42 7.04 32.71
N LEU B 76 -24.15 6.30 31.62
CA LEU B 76 -23.99 4.84 31.72
C LEU B 76 -22.78 4.47 32.59
N LYS B 77 -21.74 5.28 32.56
CA LYS B 77 -20.52 5.01 33.35
C LYS B 77 -20.83 4.97 34.86
N GLU B 78 -21.58 5.93 35.37
CA GLU B 78 -21.98 5.93 36.80
C GLU B 78 -22.71 4.62 37.18
N ILE B 79 -23.63 4.14 36.35
CA ILE B 79 -24.33 2.83 36.57
C ILE B 79 -23.33 1.65 36.47
N ARG B 80 -22.36 1.73 35.57
CA ARG B 80 -21.28 0.73 35.49
C ARG B 80 -20.52 0.72 36.81
N GLU B 81 -20.23 1.89 37.37
CA GLU B 81 -19.46 1.95 38.63
C GLU B 81 -20.35 1.51 39.79
N GLU B 82 -21.63 1.86 39.76
CA GLU B 82 -22.58 1.49 40.85
C GLU B 82 -22.86 -0.02 40.84
N LEU B 83 -23.12 -0.60 39.67
CA LEU B 83 -23.51 -2.03 39.61
C LEU B 83 -22.34 -2.89 39.16
N LYS B 84 -21.10 -2.55 39.54
CA LYS B 84 -19.85 -3.24 39.13
C LYS B 84 -19.71 -4.64 39.73
N ASP B 85 -20.37 -4.89 40.86
CA ASP B 85 -20.20 -6.17 41.57
C ASP B 85 -21.26 -7.16 41.09
N SER B 86 -22.14 -6.72 40.19
CA SER B 86 -23.24 -7.58 39.72
C SER B 86 -23.26 -7.60 38.19
N LEU B 87 -22.79 -6.54 37.55
CA LEU B 87 -22.87 -6.43 36.08
C LEU B 87 -21.56 -5.93 35.45
N GLU B 88 -21.26 -6.40 34.23
CA GLU B 88 -20.10 -5.91 33.44
C GLU B 88 -20.71 -5.10 32.30
N ILE B 89 -20.74 -3.79 32.44
CA ILE B 89 -21.47 -2.94 31.47
C ILE B 89 -20.48 -2.44 30.42
N VAL B 90 -20.90 -2.55 29.18
CA VAL B 90 -20.08 -2.18 28.02
C VAL B 90 -21.07 -1.41 27.16
N MET B 91 -20.62 -0.33 26.52
CA MET B 91 -21.52 0.45 25.65
C MET B 91 -21.53 -0.11 24.21
N ARG B 92 -22.74 -0.14 23.62
CA ARG B 92 -22.93 -0.57 22.22
C ARG B 92 -22.73 0.65 21.31
N VAL B 93 -21.66 0.66 20.51
CA VAL B 93 -21.33 1.81 19.64
C VAL B 93 -21.56 1.39 18.19
N TYR B 94 -22.78 1.53 17.71
CA TYR B 94 -23.18 1.12 16.34
C TYR B 94 -23.57 2.36 15.57
N PHE B 95 -22.81 2.65 14.53
CA PHE B 95 -23.14 3.81 13.68
C PHE B 95 -23.87 3.31 12.45
N GLU B 96 -24.51 4.21 11.72
CA GLU B 96 -25.12 3.80 10.44
C GLU B 96 -23.98 3.61 9.41
N ASP B 118 -18.27 10.33 3.57
CA ASP B 118 -16.82 10.00 3.61
C ASP B 118 -16.57 8.91 4.65
N ILE B 119 -16.11 7.73 4.21
CA ILE B 119 -15.75 6.62 5.13
C ILE B 119 -14.52 7.10 5.89
N ASN B 120 -13.65 7.83 5.24
CA ASN B 120 -12.40 8.34 5.87
C ASN B 120 -12.74 9.18 7.12
N GLU B 121 -13.76 10.02 7.03
CA GLU B 121 -14.24 10.83 8.18
C GLU B 121 -15.05 9.96 9.14
N GLY B 122 -15.86 9.06 8.62
CA GLY B 122 -16.57 8.14 9.51
C GLY B 122 -15.63 7.33 10.37
N LEU B 123 -14.47 6.98 9.83
CA LEU B 123 -13.46 6.22 10.60
C LEU B 123 -12.82 7.15 11.64
N ARG B 124 -12.57 8.41 11.29
CA ARG B 124 -12.01 9.40 12.23
C ARG B 124 -13.02 9.65 13.36
N ILE B 125 -14.29 9.81 13.00
CA ILE B 125 -15.37 10.05 13.99
C ILE B 125 -15.56 8.82 14.90
N ALA B 126 -15.49 7.62 14.34
CA ALA B 126 -15.69 6.37 15.08
C ALA B 126 -14.57 6.09 16.08
N ARG B 127 -13.32 6.30 15.65
CA ARG B 127 -12.16 6.08 16.54
C ARG B 127 -12.22 7.10 17.68
N GLU B 128 -12.29 8.40 17.34
CA GLU B 128 -12.31 9.46 18.37
C GLU B 128 -13.40 9.14 19.40
N LEU B 129 -14.56 8.67 18.97
CA LEU B 129 -15.65 8.29 19.90
C LEU B 129 -15.21 7.15 20.81
N LEU B 130 -14.70 6.08 20.23
CA LEU B 130 -14.28 4.89 21.03
C LEU B 130 -13.11 5.25 21.95
N LEU B 131 -12.19 6.10 21.51
CA LEU B 131 -11.05 6.56 22.35
C LEU B 131 -11.54 7.38 23.52
N THR B 132 -12.50 8.26 23.28
CA THR B 132 -13.04 9.13 24.34
C THR B 132 -13.82 8.31 25.33
N ILE B 133 -14.65 7.40 24.84
CA ILE B 133 -15.49 6.59 25.76
C ILE B 133 -14.59 5.66 26.57
N ASN B 134 -13.60 5.02 25.95
CA ASN B 134 -12.71 4.06 26.66
C ASN B 134 -11.77 4.83 27.59
N ASP B 135 -11.35 6.02 27.21
CA ASP B 135 -10.55 6.91 28.08
C ASP B 135 -11.40 7.42 29.25
N GLN B 136 -12.71 7.54 29.11
CA GLN B 136 -13.55 7.93 30.26
C GLN B 136 -13.71 6.70 31.17
N GLY B 137 -13.32 5.53 30.71
CA GLY B 137 -13.36 4.31 31.53
C GLY B 137 -14.54 3.44 31.21
N LEU B 138 -15.25 3.74 30.14
CA LEU B 138 -16.41 2.93 29.71
C LEU B 138 -16.03 2.01 28.52
N PRO B 139 -16.03 0.67 28.71
CA PRO B 139 -15.73 -0.28 27.64
C PRO B 139 -16.70 -0.30 26.46
N THR B 140 -16.19 -0.41 25.23
CA THR B 140 -17.05 -0.32 24.03
C THR B 140 -17.33 -1.67 23.36
N ALA B 141 -18.56 -1.85 22.85
CA ALA B 141 -18.96 -3.08 22.13
C ALA B 141 -19.57 -2.71 20.78
N GLY B 142 -19.37 -3.57 19.80
CA GLY B 142 -19.85 -3.26 18.45
C GLY B 142 -20.11 -4.49 17.61
N GLU B 143 -19.99 -4.34 16.31
CA GLU B 143 -20.31 -5.43 15.38
C GLU B 143 -19.26 -5.46 14.28
N PHE B 144 -18.88 -6.65 13.86
CA PHE B 144 -17.86 -6.83 12.80
C PHE B 144 -18.59 -7.30 11.56
N LEU B 145 -18.59 -6.46 10.53
CA LEU B 145 -19.32 -6.77 9.28
C LEU B 145 -18.31 -7.06 8.18
N ASP B 146 -17.08 -6.64 8.38
CA ASP B 146 -16.06 -6.81 7.32
C ASP B 146 -14.74 -7.24 7.97
N VAL B 147 -13.76 -7.62 7.15
CA VAL B 147 -12.46 -8.11 7.65
C VAL B 147 -11.46 -6.97 7.62
N ILE B 148 -11.80 -5.86 6.98
CA ILE B 148 -10.85 -4.72 6.80
C ILE B 148 -11.08 -3.67 7.90
N SER B 149 -12.33 -3.27 8.14
CA SER B 149 -12.66 -2.22 9.15
C SER B 149 -12.17 -2.56 10.56
N PRO B 150 -12.07 -3.82 11.00
CA PRO B 150 -11.50 -4.08 12.30
C PRO B 150 -10.10 -3.49 12.57
N GLN B 151 -9.29 -3.22 11.54
CA GLN B 151 -7.88 -2.79 11.69
C GLN B 151 -7.83 -1.32 12.07
N TYR B 152 -8.97 -0.67 11.92
CA TYR B 152 -9.06 0.76 12.27
C TYR B 152 -9.55 0.96 13.68
N VAL B 153 -10.33 0.03 14.26
CA VAL B 153 -10.99 0.32 15.58
C VAL B 153 -11.03 -0.84 16.58
N ALA B 154 -10.46 -2.00 16.29
CA ALA B 154 -10.64 -3.16 17.20
C ALA B 154 -9.74 -3.12 18.43
N ASP B 155 -8.71 -2.29 18.40
CA ASP B 155 -7.82 -2.11 19.57
C ASP B 155 -8.63 -1.46 20.69
N LEU B 156 -9.76 -0.82 20.35
CA LEU B 156 -10.65 -0.14 21.32
C LEU B 156 -11.91 -0.97 21.53
N MET B 157 -11.92 -2.20 21.06
CA MET B 157 -13.12 -3.08 21.17
C MET B 157 -12.91 -4.15 22.24
N SER B 158 -13.85 -4.25 23.15
CA SER B 158 -13.74 -5.15 24.31
C SER B 158 -14.74 -6.28 24.09
N TRP B 159 -15.55 -6.13 23.03
CA TRP B 159 -16.52 -7.15 22.63
C TRP B 159 -17.05 -6.76 21.27
N GLY B 160 -17.61 -7.72 20.55
CA GLY B 160 -18.11 -7.51 19.19
C GLY B 160 -19.07 -8.59 18.78
N ALA B 161 -19.82 -8.34 17.73
CA ALA B 161 -20.87 -9.30 17.32
C ALA B 161 -20.76 -9.69 15.84
N ILE B 162 -21.23 -10.91 15.53
CA ILE B 162 -21.35 -11.37 14.13
C ILE B 162 -22.84 -11.55 13.91
N GLY B 163 -23.43 -10.74 13.06
CA GLY B 163 -24.87 -10.76 12.80
C GLY B 163 -25.44 -12.05 12.29
N ALA B 164 -26.75 -12.15 12.26
CA ALA B 164 -27.44 -13.40 11.90
C ALA B 164 -27.28 -13.76 10.42
N ARG B 165 -26.90 -12.79 9.59
CA ARG B 165 -26.79 -12.99 8.13
C ARG B 165 -25.34 -13.26 7.72
N THR B 166 -24.42 -13.36 8.68
CA THR B 166 -22.98 -13.61 8.42
C THR B 166 -22.48 -14.69 9.34
N THR B 167 -23.37 -15.31 10.12
CA THR B 167 -22.91 -16.28 11.14
C THR B 167 -22.55 -17.63 10.51
N GLU B 168 -23.11 -17.96 9.34
CA GLU B 168 -22.71 -19.20 8.62
C GLU B 168 -21.55 -18.94 7.65
N SER B 169 -21.10 -17.68 7.55
CA SER B 169 -19.99 -17.32 6.63
C SER B 169 -18.64 -17.64 7.30
N GLN B 170 -17.93 -18.63 6.77
CA GLN B 170 -16.61 -19.02 7.34
C GLN B 170 -15.71 -17.77 7.44
N ILE B 171 -15.73 -16.91 6.42
CA ILE B 171 -14.85 -15.70 6.42
C ILE B 171 -14.96 -14.98 7.77
N HIS B 172 -16.19 -14.76 8.27
CA HIS B 172 -16.39 -14.08 9.58
C HIS B 172 -15.90 -14.99 10.70
N ARG B 173 -16.15 -16.30 10.59
CA ARG B 173 -15.69 -17.25 11.63
C ARG B 173 -14.15 -17.19 11.67
N GLU B 174 -13.51 -16.87 10.54
CA GLU B 174 -12.03 -16.74 10.52
C GLU B 174 -11.64 -15.35 11.07
N LEU B 175 -12.45 -14.33 10.83
CA LEU B 175 -12.21 -13.02 11.46
C LEU B 175 -12.33 -13.17 12.99
N ALA B 176 -13.26 -13.96 13.48
CA ALA B 176 -13.46 -14.10 14.94
C ALA B 176 -12.32 -14.90 15.53
N SER B 177 -11.82 -15.85 14.77
CA SER B 177 -10.65 -16.68 15.17
C SER B 177 -9.42 -15.82 15.48
N GLY B 178 -9.29 -14.65 14.86
CA GLY B 178 -8.13 -13.76 15.05
C GLY B 178 -8.48 -12.41 15.62
N LEU B 179 -9.64 -12.30 16.29
CA LEU B 179 -10.07 -11.04 16.94
C LEU B 179 -9.60 -11.04 18.40
N SER B 180 -9.05 -9.92 18.88
CA SER B 180 -8.49 -9.80 20.26
C SER B 180 -9.58 -9.61 21.33
N CYS B 181 -10.83 -9.47 20.92
CA CYS B 181 -11.99 -9.34 21.84
C CYS B 181 -12.86 -10.62 21.83
N PRO B 182 -13.56 -10.95 22.92
CA PRO B 182 -14.53 -12.04 22.92
C PRO B 182 -15.60 -11.74 21.88
N VAL B 183 -16.13 -12.77 21.20
CA VAL B 183 -17.06 -12.47 20.09
C VAL B 183 -18.43 -13.14 20.29
N GLY B 184 -19.49 -12.52 19.77
CA GLY B 184 -20.84 -13.09 19.84
C GLY B 184 -21.39 -13.42 18.48
N PHE B 185 -21.77 -14.69 18.28
CA PHE B 185 -22.43 -15.11 17.01
C PHE B 185 -23.94 -15.10 17.23
N LYS B 186 -24.70 -14.62 16.25
CA LYS B 186 -26.17 -14.50 16.43
C LYS B 186 -26.89 -15.68 15.76
N ASN B 187 -28.06 -16.09 16.29
CA ASN B 187 -28.81 -17.25 15.73
C ASN B 187 -29.41 -16.86 14.37
N GLY B 188 -29.85 -17.85 13.59
CA GLY B 188 -30.40 -17.59 12.24
C GLY B 188 -31.59 -16.64 12.28
N THR B 189 -31.81 -15.90 11.18
CA THR B 189 -32.94 -14.97 11.12
C THR B 189 -34.21 -15.78 11.14
N ASP B 190 -34.10 -17.10 11.26
CA ASP B 190 -35.27 -18.01 11.35
C ASP B 190 -35.24 -18.69 12.72
N GLY B 191 -34.24 -18.41 13.54
CA GLY B 191 -34.10 -19.01 14.88
C GLY B 191 -33.10 -20.12 14.90
N THR B 192 -32.32 -20.30 13.84
CA THR B 192 -31.40 -21.46 13.73
C THR B 192 -30.20 -21.36 14.67
N ILE B 193 -30.08 -22.34 15.55
CA ILE B 193 -28.98 -22.39 16.55
C ILE B 193 -27.71 -23.02 15.95
N LYS B 194 -27.83 -24.05 15.10
CA LYS B 194 -26.67 -24.80 14.56
C LYS B 194 -25.65 -23.87 13.93
N ILE B 195 -26.08 -22.90 13.14
CA ILE B 195 -25.12 -22.00 12.43
C ILE B 195 -24.14 -21.34 13.42
N ALA B 196 -24.55 -21.17 14.68
CA ALA B 196 -23.71 -20.47 15.67
C ALA B 196 -23.00 -21.47 16.55
N ILE B 197 -23.58 -22.64 16.80
CA ILE B 197 -22.85 -23.68 17.55
C ILE B 197 -21.68 -24.07 16.64
N ASP B 198 -21.93 -24.10 15.34
CA ASP B 198 -20.90 -24.45 14.32
C ASP B 198 -19.92 -23.28 14.21
N ALA B 199 -20.42 -22.06 14.30
CA ALA B 199 -19.57 -20.85 14.24
C ALA B 199 -18.59 -20.82 15.40
N ILE B 200 -19.06 -21.10 16.59
CA ILE B 200 -18.19 -21.12 17.79
C ILE B 200 -17.11 -22.20 17.61
N ASN B 201 -17.48 -23.38 17.14
CA ASN B 201 -16.53 -24.50 16.91
C ASN B 201 -15.45 -24.09 15.90
N SER B 202 -15.83 -23.45 14.80
CA SER B 202 -14.88 -22.99 13.75
C SER B 202 -13.95 -21.91 14.31
N ALA B 203 -14.48 -20.92 15.01
CA ALA B 203 -13.67 -19.81 15.54
C ALA B 203 -12.59 -20.30 16.50
N ARG B 204 -12.85 -21.37 17.24
CA ARG B 204 -11.91 -21.95 18.23
C ARG B 204 -10.64 -22.48 17.54
N SER B 205 -10.62 -22.48 16.22
CA SER B 205 -9.50 -23.08 15.46
C SER B 205 -8.71 -22.00 14.75
N ALA B 206 -7.50 -22.34 14.35
CA ALA B 206 -6.63 -21.43 13.62
C ALA B 206 -7.10 -21.39 12.19
N HIS B 207 -7.19 -20.19 11.62
CA HIS B 207 -7.71 -20.04 10.24
C HIS B 207 -6.81 -19.09 9.45
N SER B 208 -7.28 -18.67 8.27
CA SER B 208 -6.51 -17.70 7.45
C SER B 208 -7.49 -16.93 6.55
N PHE B 209 -7.52 -15.60 6.68
CA PHE B 209 -8.43 -14.78 5.85
C PHE B 209 -7.64 -13.62 5.24
N LEU B 210 -7.92 -13.31 3.97
CA LEU B 210 -7.23 -12.21 3.27
C LEU B 210 -7.78 -10.87 3.78
N SER B 211 -6.94 -9.94 4.25
CA SER B 211 -7.39 -8.57 4.65
C SER B 211 -6.15 -7.69 4.49
N VAL B 212 -6.17 -6.54 5.13
CA VAL B 212 -4.99 -5.62 4.99
C VAL B 212 -4.10 -5.48 6.22
N THR B 213 -2.89 -4.96 6.04
CA THR B 213 -2.03 -4.70 7.21
C THR B 213 -2.46 -3.41 7.89
N LYS B 214 -1.74 -3.03 8.93
CA LYS B 214 -1.98 -1.73 9.61
C LYS B 214 -1.47 -0.61 8.69
N TRP B 215 -0.86 -0.94 7.58
CA TRP B 215 -0.35 0.04 6.60
C TRP B 215 -1.23 0.06 5.37
N GLY B 216 -2.25 -0.78 5.33
CA GLY B 216 -3.25 -0.73 4.26
C GLY B 216 -2.95 -1.63 3.11
N HIS B 217 -2.20 -2.67 3.36
CA HIS B 217 -1.73 -3.52 2.25
C HIS B 217 -2.34 -4.92 2.28
N SER B 218 -2.84 -5.37 1.14
CA SER B 218 -3.34 -6.76 0.96
C SER B 218 -2.44 -7.73 1.71
N ALA B 219 -3.04 -8.54 2.57
CA ALA B 219 -2.26 -9.41 3.46
C ALA B 219 -2.93 -10.75 3.69
N ILE B 220 -2.14 -11.64 4.27
CA ILE B 220 -2.65 -12.97 4.67
C ILE B 220 -2.61 -12.93 6.20
N VAL B 221 -3.77 -13.14 6.80
CA VAL B 221 -3.84 -13.11 8.28
C VAL B 221 -3.91 -14.57 8.76
N ASN B 222 -2.91 -14.98 9.52
CA ASN B 222 -2.91 -16.33 10.14
C ASN B 222 -3.44 -16.17 11.56
N THR B 223 -4.35 -17.03 11.98
CA THR B 223 -5.06 -16.91 13.27
C THR B 223 -4.69 -17.99 14.25
N SER B 224 -4.96 -17.76 15.54
CA SER B 224 -4.67 -18.74 16.59
C SER B 224 -5.96 -19.41 17.10
N GLY B 225 -7.12 -18.84 16.83
CA GLY B 225 -8.37 -19.35 17.38
C GLY B 225 -8.88 -18.51 18.54
N ASN B 226 -10.19 -18.33 18.62
CA ASN B 226 -10.82 -17.56 19.74
C ASN B 226 -11.73 -18.49 20.53
N PRO B 227 -11.36 -18.80 21.79
CA PRO B 227 -12.22 -19.60 22.64
C PRO B 227 -13.33 -18.80 23.31
N ASP B 228 -13.34 -17.49 23.11
CA ASP B 228 -14.28 -16.60 23.84
C ASP B 228 -15.37 -16.19 22.88
N CYS B 229 -15.89 -17.17 22.18
CA CYS B 229 -16.99 -16.92 21.22
C CYS B 229 -18.23 -17.58 21.81
N HIS B 230 -19.39 -16.95 21.66
CA HIS B 230 -20.63 -17.42 22.32
C HIS B 230 -21.85 -17.04 21.49
N ILE B 231 -22.92 -17.77 21.72
CA ILE B 231 -24.19 -17.52 20.98
C ILE B 231 -24.96 -16.30 21.53
N ILE B 232 -25.53 -15.54 20.61
CA ILE B 232 -26.45 -14.45 20.99
C ILE B 232 -27.86 -14.88 20.55
N LEU B 233 -28.78 -15.05 21.48
CA LEU B 233 -30.20 -15.32 21.13
C LEU B 233 -30.85 -13.98 20.82
N ARG B 234 -31.37 -13.80 19.60
CA ARG B 234 -31.89 -12.50 19.13
C ARG B 234 -33.21 -12.66 18.39
N GLY B 235 -33.79 -13.83 18.43
CA GLY B 235 -35.09 -14.07 17.77
C GLY B 235 -34.95 -14.43 16.31
N GLY B 236 -35.82 -15.31 15.81
CA GLY B 236 -35.82 -15.64 14.37
C GLY B 236 -37.20 -15.38 13.82
N LYS B 237 -38.07 -16.39 13.85
CA LYS B 237 -39.49 -16.16 13.44
C LYS B 237 -40.22 -15.66 14.67
N GLU B 238 -40.40 -16.52 15.68
CA GLU B 238 -41.01 -16.08 16.97
C GLU B 238 -39.84 -15.73 17.91
N PRO B 239 -40.04 -15.14 19.12
CA PRO B 239 -38.92 -14.89 20.00
C PRO B 239 -38.22 -16.19 20.45
N ASN B 240 -37.15 -16.09 21.26
CA ASN B 240 -36.39 -17.29 21.70
C ASN B 240 -35.76 -17.08 23.08
N TYR B 241 -36.43 -16.37 23.98
CA TYR B 241 -35.79 -16.01 25.28
C TYR B 241 -36.40 -16.78 26.43
N SER B 242 -37.42 -17.56 26.13
CA SER B 242 -38.12 -18.27 27.22
C SER B 242 -37.18 -19.31 27.82
N ALA B 243 -37.47 -19.74 29.05
CA ALA B 243 -36.62 -20.73 29.75
C ALA B 243 -36.44 -21.98 28.90
N GLU B 244 -37.40 -22.25 28.02
CA GLU B 244 -37.38 -23.47 27.18
C GLU B 244 -36.37 -23.37 26.04
N HIS B 245 -36.29 -22.21 25.41
CA HIS B 245 -35.33 -22.00 24.31
C HIS B 245 -33.92 -22.05 24.88
N VAL B 246 -33.70 -21.45 26.05
CA VAL B 246 -32.37 -21.44 26.71
C VAL B 246 -32.02 -22.88 27.11
N LYS B 247 -32.97 -23.64 27.66
CA LYS B 247 -32.75 -25.04 28.05
C LYS B 247 -32.31 -25.87 26.84
N ALA B 248 -32.95 -25.63 25.70
CA ALA B 248 -32.64 -26.39 24.48
C ALA B 248 -31.43 -25.82 23.75
N VAL B 249 -31.18 -24.51 23.86
CA VAL B 249 -29.94 -23.93 23.28
C VAL B 249 -28.73 -24.41 24.12
N ARG B 250 -28.89 -24.51 25.43
CA ARG B 250 -27.83 -24.97 26.34
C ARG B 250 -27.56 -26.47 26.12
N GLU B 251 -28.61 -27.25 25.86
CA GLU B 251 -28.44 -28.70 25.60
C GLU B 251 -27.68 -28.83 24.28
N GLY B 252 -28.00 -27.99 23.31
CA GLY B 252 -27.30 -28.00 22.01
C GLY B 252 -25.84 -27.65 22.10
N LEU B 253 -25.47 -26.75 23.02
CA LEU B 253 -24.04 -26.39 23.22
C LEU B 253 -23.36 -27.53 23.98
N ILE B 254 -24.07 -28.12 24.92
CA ILE B 254 -23.54 -29.26 25.74
C ILE B 254 -23.35 -30.51 24.87
N ASN B 255 -24.34 -30.89 24.06
CA ASN B 255 -24.21 -32.05 23.15
C ASN B 255 -23.02 -31.83 22.21
N ALA B 256 -22.68 -30.58 21.92
CA ALA B 256 -21.60 -30.29 20.95
C ALA B 256 -20.28 -29.98 21.65
N GLY B 257 -20.20 -30.22 22.96
CA GLY B 257 -18.94 -30.04 23.71
C GLY B 257 -18.57 -28.60 23.94
N LEU B 258 -19.53 -27.69 23.78
CA LEU B 258 -19.25 -26.25 23.94
C LEU B 258 -19.74 -25.81 25.32
N ILE B 259 -19.00 -24.91 25.96
CA ILE B 259 -19.43 -24.34 27.27
C ILE B 259 -20.80 -23.68 27.11
N PRO B 260 -21.79 -24.01 27.98
CA PRO B 260 -23.09 -23.36 27.92
C PRO B 260 -23.15 -21.89 28.40
N SER B 261 -22.57 -20.95 27.64
CA SER B 261 -22.62 -19.49 27.94
C SER B 261 -23.53 -18.80 26.93
N ILE B 262 -24.61 -18.18 27.41
CA ILE B 262 -25.64 -17.63 26.49
C ILE B 262 -25.84 -16.12 26.66
N MET B 263 -26.08 -15.40 25.56
CA MET B 263 -26.42 -13.96 25.59
C MET B 263 -27.78 -13.79 24.94
N ILE B 264 -28.73 -13.17 25.67
CA ILE B 264 -30.08 -12.90 25.12
C ILE B 264 -30.19 -11.42 24.72
N ASP B 265 -30.40 -11.16 23.43
CA ASP B 265 -30.67 -9.79 22.96
C ASP B 265 -32.14 -9.53 23.23
N PHE B 266 -32.44 -8.49 24.00
CA PHE B 266 -33.83 -8.23 24.37
C PHE B 266 -34.45 -7.54 23.22
N SER B 267 -33.65 -7.06 22.26
CA SER B 267 -34.22 -6.24 21.16
C SER B 267 -34.29 -7.00 19.83
N HIS B 268 -34.40 -6.27 18.72
CA HIS B 268 -34.43 -6.88 17.36
C HIS B 268 -35.64 -7.82 17.46
N ALA B 269 -35.52 -9.07 17.01
CA ALA B 269 -36.69 -9.98 17.00
C ALA B 269 -37.25 -10.44 18.36
N ASN B 270 -36.37 -10.79 19.30
CA ASN B 270 -36.85 -11.17 20.66
C ASN B 270 -37.87 -10.11 21.11
N SER B 271 -37.69 -8.86 20.68
CA SER B 271 -38.67 -7.79 21.00
C SER B 271 -39.17 -7.19 19.69
N SER B 272 -40.32 -7.66 19.19
CA SER B 272 -40.94 -7.15 17.94
C SER B 272 -40.18 -7.68 16.72
N LYS B 277 -40.59 -6.94 25.37
CA LYS B 277 -40.50 -5.64 24.69
C LYS B 277 -39.25 -5.02 25.30
N GLN B 278 -38.28 -5.86 25.59
CA GLN B 278 -37.01 -5.37 26.16
C GLN B 278 -37.28 -5.24 27.66
N MET B 279 -38.43 -4.66 28.00
CA MET B 279 -38.81 -4.50 29.43
C MET B 279 -39.56 -5.75 29.87
N GLU B 280 -40.28 -6.38 28.95
CA GLU B 280 -40.96 -7.65 29.30
C GLU B 280 -39.94 -8.80 29.22
N VAL B 281 -39.00 -8.72 28.29
CA VAL B 281 -37.92 -9.74 28.16
C VAL B 281 -36.96 -9.60 29.35
N ALA B 282 -36.75 -8.38 29.83
CA ALA B 282 -35.87 -8.16 30.98
C ALA B 282 -36.40 -8.92 32.18
N THR B 283 -37.71 -8.87 32.39
CA THR B 283 -38.31 -9.50 33.57
C THR B 283 -38.28 -11.01 33.45
N ASP B 284 -38.62 -11.55 32.29
CA ASP B 284 -38.56 -13.03 32.05
C ASP B 284 -37.13 -13.54 32.29
N VAL B 285 -36.14 -12.83 31.78
CA VAL B 285 -34.71 -13.21 31.95
C VAL B 285 -34.28 -13.02 33.40
N SER B 286 -34.72 -11.92 34.02
CA SER B 286 -34.37 -11.65 35.44
C SER B 286 -34.89 -12.80 36.31
N THR B 287 -36.08 -13.30 36.00
CA THR B 287 -36.69 -14.41 36.76
C THR B 287 -35.89 -15.68 36.55
N GLN B 288 -35.38 -15.87 35.34
CA GLN B 288 -34.55 -17.05 35.04
C GLN B 288 -33.25 -16.96 35.84
N LEU B 289 -32.64 -15.79 35.88
CA LEU B 289 -31.37 -15.61 36.63
C LEU B 289 -31.67 -15.80 38.13
N SER B 290 -32.75 -15.21 38.63
CA SER B 290 -33.15 -15.37 40.06
C SER B 290 -33.43 -16.84 40.40
N GLN B 291 -34.07 -17.60 39.51
CA GLN B 291 -34.26 -19.06 39.71
C GLN B 291 -32.91 -19.79 39.72
N GLY B 292 -31.87 -19.26 39.06
CA GLY B 292 -30.51 -19.84 39.15
C GLY B 292 -29.89 -20.29 37.84
N ASP B 293 -30.32 -19.71 36.72
CA ASP B 293 -29.77 -20.10 35.38
C ASP B 293 -28.38 -19.47 35.20
N ARG B 294 -27.32 -20.19 35.56
CA ARG B 294 -25.95 -19.66 35.38
C ARG B 294 -25.55 -19.74 33.90
N SER B 295 -26.47 -20.23 33.06
CA SER B 295 -26.19 -20.35 31.60
C SER B 295 -26.35 -18.98 30.92
N ILE B 296 -27.26 -18.14 31.41
CA ILE B 296 -27.38 -16.77 30.83
C ILE B 296 -26.23 -15.92 31.40
N THR B 297 -25.22 -15.61 30.59
CA THR B 297 -24.00 -14.92 31.07
C THR B 297 -23.96 -13.51 30.52
N GLY B 298 -24.90 -13.22 29.65
CA GLY B 298 -24.90 -11.93 28.98
C GLY B 298 -26.24 -11.58 28.43
N VAL B 299 -26.47 -10.29 28.26
CA VAL B 299 -27.74 -9.77 27.71
C VAL B 299 -27.38 -8.64 26.74
N MET B 300 -28.30 -8.30 25.85
CA MET B 300 -28.12 -7.10 25.00
C MET B 300 -29.39 -6.27 25.12
N ILE B 301 -29.22 -4.96 25.29
CA ILE B 301 -30.36 -3.99 25.38
C ILE B 301 -30.10 -2.83 24.40
N GLU B 302 -31.13 -2.42 23.66
CA GLU B 302 -31.02 -1.22 22.78
C GLU B 302 -31.67 -0.02 23.50
N SER B 303 -30.87 0.96 23.93
CA SER B 303 -31.38 2.09 24.74
C SER B 303 -30.88 3.47 24.29
N HIS B 304 -31.78 4.45 24.13
CA HIS B 304 -31.37 5.86 23.82
C HIS B 304 -31.55 6.71 25.09
N LEU B 305 -31.45 8.03 24.95
CA LEU B 305 -31.61 8.96 26.09
C LEU B 305 -32.98 9.61 25.98
N VAL B 306 -33.31 10.11 24.79
CA VAL B 306 -34.64 10.74 24.56
C VAL B 306 -35.54 9.69 23.89
N CYS B 328 -36.13 0.49 21.12
CA CYS B 328 -35.21 1.42 21.81
C CYS B 328 -35.88 2.01 23.05
N ILE B 329 -35.43 1.63 24.24
CA ILE B 329 -35.94 2.18 25.51
C ILE B 329 -35.28 3.55 25.78
N GLY B 330 -35.77 4.29 26.78
CA GLY B 330 -35.21 5.60 27.13
C GLY B 330 -34.39 5.51 28.39
N TRP B 331 -33.80 6.61 28.83
CA TRP B 331 -32.89 6.50 29.99
C TRP B 331 -33.64 6.01 31.23
N ASP B 332 -34.91 6.39 31.37
CA ASP B 332 -35.53 5.97 32.63
C ASP B 332 -35.65 4.46 32.71
N ASP B 333 -35.99 3.84 31.59
CA ASP B 333 -36.21 2.37 31.59
C ASP B 333 -34.87 1.63 31.62
N THR B 334 -33.79 2.29 31.20
CA THR B 334 -32.44 1.71 31.21
C THR B 334 -32.00 1.54 32.64
N GLU B 335 -32.05 2.61 33.43
CA GLU B 335 -31.72 2.48 34.87
C GLU B 335 -32.53 1.32 35.44
N LYS B 336 -33.81 1.25 35.14
CA LYS B 336 -34.70 0.21 35.70
C LYS B 336 -34.26 -1.20 35.28
N VAL B 337 -34.00 -1.43 33.99
CA VAL B 337 -33.65 -2.79 33.47
C VAL B 337 -32.29 -3.17 34.06
N LEU B 338 -31.36 -2.23 34.10
CA LEU B 338 -30.03 -2.47 34.69
C LEU B 338 -30.19 -2.78 36.18
N ARG B 339 -30.93 -1.96 36.93
CA ARG B 339 -31.01 -2.23 38.38
C ARG B 339 -31.72 -3.57 38.59
N GLN B 340 -32.64 -3.91 37.69
CA GLN B 340 -33.42 -5.18 37.79
C GLN B 340 -32.55 -6.42 37.56
N LEU B 341 -31.73 -6.40 36.51
CA LEU B 341 -30.81 -7.53 36.20
C LEU B 341 -29.74 -7.62 37.28
N SER B 342 -29.30 -6.49 37.86
CA SER B 342 -28.34 -6.53 38.99
C SER B 342 -28.92 -7.33 40.14
N GLU B 343 -30.19 -7.13 40.46
CA GLU B 343 -30.83 -7.78 41.62
C GLU B 343 -31.10 -9.23 41.30
N ALA B 344 -31.30 -9.54 40.02
CA ALA B 344 -31.48 -10.93 39.57
C ALA B 344 -30.13 -11.62 39.62
N VAL B 345 -29.03 -10.90 39.49
CA VAL B 345 -27.71 -11.57 39.63
C VAL B 345 -27.45 -11.84 41.12
N ILE B 346 -27.79 -10.90 41.98
CA ILE B 346 -27.62 -11.04 43.46
C ILE B 346 -28.47 -12.22 43.93
N ALA B 347 -29.67 -12.41 43.38
CA ALA B 347 -30.55 -13.55 43.72
C ALA B 347 -29.94 -14.87 43.23
N ARG B 348 -29.38 -14.86 42.03
CA ARG B 348 -28.71 -16.07 41.50
C ARG B 348 -27.64 -16.50 42.52
N ARG B 349 -26.88 -15.54 43.06
CA ARG B 349 -25.82 -15.94 43.97
C ARG B 349 -26.34 -16.82 45.11
N ASN B 350 -27.58 -16.58 45.59
CA ASN B 350 -28.06 -17.17 46.85
C ASN B 350 -28.65 -18.54 46.64
N LYS B 351 -29.24 -18.81 45.46
CA LYS B 351 -29.77 -20.13 45.10
C LYS B 351 -28.55 -20.97 44.60
N TYR C 3 21.06 -17.92 -6.53
CA TYR C 3 22.13 -17.13 -5.85
C TYR C 3 21.51 -15.90 -5.17
N GLN C 4 21.99 -15.60 -3.96
CA GLN C 4 21.50 -14.40 -3.25
C GLN C 4 22.19 -13.18 -3.86
N ASN C 5 21.43 -12.35 -4.58
CA ASN C 5 22.01 -11.17 -5.26
C ASN C 5 21.28 -9.93 -4.78
N ASP C 6 20.38 -10.10 -3.80
CA ASP C 6 19.51 -8.98 -3.37
C ASP C 6 19.78 -8.57 -1.94
N ASP C 7 19.66 -7.27 -1.67
CA ASP C 7 19.83 -6.71 -0.30
C ASP C 7 21.00 -7.42 0.39
N VAL C 8 22.11 -7.60 -0.34
CA VAL C 8 23.31 -8.27 0.22
C VAL C 8 23.97 -7.27 1.17
N ARG C 9 23.83 -5.97 0.88
CA ARG C 9 24.47 -4.93 1.71
C ARG C 9 23.38 -4.15 2.46
N VAL C 10 22.19 -4.72 2.55
CA VAL C 10 21.09 -4.10 3.35
C VAL C 10 21.08 -4.81 4.71
N LYS C 11 21.20 -4.05 5.79
CA LYS C 11 21.13 -4.64 7.15
C LYS C 11 19.66 -4.71 7.56
N GLN C 12 18.88 -3.70 7.17
CA GLN C 12 17.44 -3.66 7.47
C GLN C 12 16.69 -2.74 6.52
N ILE C 13 15.46 -3.09 6.15
CA ILE C 13 14.59 -2.17 5.37
C ILE C 13 13.26 -2.15 6.15
N LYS C 14 13.04 -1.12 6.95
CA LYS C 14 11.79 -1.01 7.75
C LYS C 14 10.83 -0.02 7.08
N GLU C 15 9.55 -0.37 7.05
CA GLU C 15 8.55 0.48 6.34
C GLU C 15 8.34 1.75 7.15
N LEU C 16 8.16 2.86 6.46
CA LEU C 16 8.03 4.15 7.15
C LEU C 16 6.58 4.64 7.11
N LEU C 17 6.12 5.27 8.17
CA LEU C 17 4.77 5.87 8.23
C LEU C 17 4.50 6.51 6.88
N PRO C 18 3.33 6.26 6.26
CA PRO C 18 3.00 6.91 5.03
C PRO C 18 2.98 8.44 5.27
N PRO C 19 3.28 9.28 4.27
CA PRO C 19 3.19 10.72 4.51
C PRO C 19 1.79 11.17 5.02
N ILE C 20 0.71 10.53 4.60
CA ILE C 20 -0.67 10.95 4.98
C ILE C 20 -0.84 10.80 6.49
N ALA C 21 -0.11 9.87 7.09
CA ALA C 21 -0.23 9.62 8.54
C ALA C 21 0.50 10.72 9.33
N LEU C 22 1.28 11.56 8.71
CA LEU C 22 1.91 12.64 9.49
C LEU C 22 1.00 13.85 9.35
N LEU C 23 0.27 13.92 8.25
CA LEU C 23 -0.62 15.04 7.91
C LEU C 23 -1.96 14.81 8.59
N GLU C 24 -2.21 13.59 9.00
CA GLU C 24 -3.43 13.28 9.76
C GLU C 24 -3.14 13.56 11.23
N LYS C 25 -2.02 13.03 11.73
CA LYS C 25 -1.65 13.24 13.15
C LYS C 25 -1.46 14.75 13.36
N PHE C 26 -0.90 15.43 12.38
CA PHE C 26 -0.61 16.89 12.50
C PHE C 26 -1.10 17.64 11.30
N PRO C 27 -2.40 17.99 11.20
CA PRO C 27 -2.91 18.78 10.11
C PRO C 27 -2.57 20.20 10.37
N ALA C 28 -2.43 20.93 9.28
CA ALA C 28 -2.08 22.35 9.37
C ALA C 28 -3.27 23.13 9.88
N THR C 29 -3.03 24.08 10.78
CA THR C 29 -4.10 24.96 11.22
C THR C 29 -4.28 25.95 10.12
N ASP C 30 -5.33 26.75 10.16
CA ASP C 30 -5.54 27.79 9.14
C ASP C 30 -4.52 28.91 9.35
N LYS C 31 -4.00 29.06 10.56
CA LYS C 31 -2.94 30.05 10.86
C LYS C 31 -1.63 29.56 10.21
N ALA C 32 -1.27 28.31 10.43
CA ALA C 32 -0.10 27.72 9.72
C ALA C 32 -0.32 27.86 8.22
N ALA C 33 -1.42 27.33 7.72
CA ALA C 33 -1.75 27.45 6.30
C ALA C 33 -1.58 28.86 5.79
N PHE C 34 -2.10 29.84 6.52
CA PHE C 34 -1.99 31.23 6.11
C PHE C 34 -0.53 31.70 6.21
N THR C 35 0.15 31.42 7.33
CA THR C 35 1.55 31.85 7.54
C THR C 35 2.44 31.30 6.44
N VAL C 36 2.19 30.07 5.99
CA VAL C 36 2.97 29.43 4.89
C VAL C 36 2.69 30.17 3.59
N HIS C 37 1.42 30.34 3.22
CA HIS C 37 1.03 30.99 1.94
C HIS C 37 1.52 32.45 1.85
N GLU C 38 1.36 33.24 2.91
CA GLU C 38 1.75 34.66 2.87
C GLU C 38 3.26 34.79 2.78
N ALA C 39 3.99 33.96 3.55
CA ALA C 39 5.43 34.03 3.60
C ALA C 39 5.99 33.70 2.24
N ARG C 40 5.46 32.64 1.56
CA ARG C 40 5.99 32.21 0.25
C ARG C 40 5.76 33.31 -0.78
N HIS C 41 4.61 34.00 -0.69
CA HIS C 41 4.29 35.03 -1.67
C HIS C 41 5.18 36.25 -1.43
N ALA C 42 5.43 36.51 -0.15
CA ALA C 42 6.31 37.62 0.25
C ALA C 42 7.71 37.38 -0.30
N ILE C 43 8.26 36.19 -0.03
CA ILE C 43 9.63 35.88 -0.50
C ILE C 43 9.70 36.10 -2.03
N HIS C 44 8.67 35.69 -2.76
CA HIS C 44 8.62 35.88 -4.23
C HIS C 44 8.76 37.36 -4.58
N ASN C 45 7.94 38.20 -3.97
CA ASN C 45 7.94 39.65 -4.28
C ASN C 45 9.30 40.24 -3.94
N ILE C 46 9.83 39.89 -2.78
CA ILE C 46 11.16 40.39 -2.38
C ILE C 46 12.20 39.92 -3.41
N LEU C 47 12.14 38.67 -3.84
CA LEU C 47 13.14 38.10 -4.79
C LEU C 47 13.08 38.75 -6.16
N VAL C 48 11.89 39.05 -6.68
CA VAL C 48 11.74 39.52 -8.04
C VAL C 48 11.74 41.04 -8.05
N GLY C 49 12.06 41.71 -6.91
CA GLY C 49 12.22 43.15 -6.82
C GLY C 49 10.90 43.95 -6.66
N LYS C 50 9.80 43.30 -6.31
CA LYS C 50 8.54 44.06 -6.09
C LYS C 50 8.51 44.56 -4.64
N ASP C 51 9.23 43.89 -3.76
CA ASP C 51 9.25 44.27 -2.32
C ASP C 51 10.68 44.65 -1.97
N ASP C 52 10.88 45.77 -1.27
CA ASP C 52 12.25 46.28 -1.00
C ASP C 52 12.78 45.68 0.28
N ARG C 53 12.05 44.72 0.87
CA ARG C 53 12.47 44.15 2.17
C ARG C 53 13.54 43.07 1.95
N LEU C 54 13.98 42.41 3.03
CA LEU C 54 15.07 41.42 2.89
C LEU C 54 14.69 40.11 3.62
N VAL C 55 14.72 38.98 2.90
CA VAL C 55 14.39 37.67 3.52
C VAL C 55 15.54 37.29 4.47
N VAL C 56 15.25 37.21 5.77
CA VAL C 56 16.29 36.81 6.76
C VAL C 56 16.01 35.37 7.19
N VAL C 57 16.81 34.42 6.71
CA VAL C 57 16.64 33.01 7.15
C VAL C 57 17.58 32.82 8.35
N ILE C 58 17.04 32.85 9.56
CA ILE C 58 17.86 32.77 10.75
C ILE C 58 17.29 31.70 11.66
N GLY C 59 18.18 31.02 12.37
CA GLY C 59 17.76 30.05 13.36
C GLY C 59 18.97 29.31 13.90
N PRO C 60 18.77 28.37 14.85
CA PRO C 60 19.86 27.60 15.43
C PRO C 60 20.55 26.83 14.34
N CYS C 61 21.78 26.42 14.61
CA CYS C 61 22.57 25.65 13.63
C CYS C 61 22.01 24.23 13.63
N SER C 62 21.66 23.73 14.82
CA SER C 62 21.06 22.39 14.94
C SER C 62 19.99 22.43 16.02
N ILE C 63 18.92 21.66 15.85
CA ILE C 63 17.90 21.58 16.94
C ILE C 63 18.13 20.26 17.71
N HIS C 64 18.36 20.36 19.01
CA HIS C 64 18.53 19.16 19.87
C HIS C 64 17.34 19.12 20.83
N ASP C 65 16.80 20.30 21.18
CA ASP C 65 15.60 20.35 22.06
C ASP C 65 14.47 21.06 21.33
N THR C 66 13.25 20.53 21.45
CA THR C 66 12.08 21.16 20.82
C THR C 66 11.67 22.34 21.67
N LYS C 67 11.80 22.21 23.00
CA LYS C 67 11.38 23.29 23.92
C LYS C 67 12.20 24.55 23.68
N ALA C 68 13.51 24.38 23.66
CA ALA C 68 14.42 25.52 23.44
C ALA C 68 14.07 26.22 22.14
N ALA C 69 13.77 25.46 21.11
CA ALA C 69 13.52 26.06 19.78
C ALA C 69 12.19 26.82 19.80
N LEU C 70 11.24 26.31 20.58
CA LEU C 70 9.90 26.96 20.68
C LEU C 70 10.02 28.29 21.42
N GLU C 71 10.98 28.40 22.34
CA GLU C 71 11.25 29.66 23.07
C GLU C 71 12.01 30.64 22.16
N TYR C 72 12.81 30.12 21.24
CA TYR C 72 13.50 31.01 20.28
C TYR C 72 12.50 31.56 19.33
N ALA C 73 11.61 30.72 18.85
CA ALA C 73 10.58 31.15 17.90
C ALA C 73 9.76 32.29 18.50
N GLU C 74 9.31 32.13 19.74
CA GLU C 74 8.57 33.19 20.47
C GLU C 74 9.37 34.50 20.43
N ARG C 75 10.65 34.43 20.78
CA ARG C 75 11.52 35.63 20.74
C ARG C 75 11.59 36.18 19.31
N LEU C 76 11.88 35.32 18.33
CA LEU C 76 12.03 35.79 16.92
C LEU C 76 10.69 36.27 16.36
N LYS C 77 9.57 35.70 16.77
CA LYS C 77 8.27 36.22 16.28
C LYS C 77 8.15 37.70 16.66
N GLU C 78 8.59 38.06 17.86
CA GLU C 78 8.41 39.45 18.32
C GLU C 78 9.23 40.38 17.41
N ILE C 79 10.44 39.96 17.07
CA ILE C 79 11.32 40.77 16.19
C ILE C 79 10.73 40.77 14.78
N ARG C 80 10.12 39.67 14.38
CA ARG C 80 9.51 39.57 13.03
C ARG C 80 8.38 40.60 12.91
N GLU C 81 7.59 40.75 13.96
CA GLU C 81 6.44 41.69 13.90
C GLU C 81 6.96 43.13 13.93
N GLU C 82 7.98 43.39 14.73
CA GLU C 82 8.57 44.74 14.80
C GLU C 82 9.20 45.12 13.46
N LEU C 83 10.07 44.26 12.90
CA LEU C 83 10.84 44.66 11.71
C LEU C 83 10.15 44.15 10.46
N LYS C 84 8.82 44.14 10.45
CA LYS C 84 8.03 43.60 9.32
C LYS C 84 8.06 44.51 8.10
N ASP C 85 8.44 45.77 8.27
CA ASP C 85 8.55 46.68 7.10
C ASP C 85 10.01 46.80 6.67
N SER C 86 10.82 45.78 6.98
CA SER C 86 12.22 45.82 6.52
C SER C 86 12.74 44.39 6.27
N LEU C 87 12.33 43.44 7.12
CA LEU C 87 12.90 42.07 7.00
C LEU C 87 11.80 40.99 7.08
N GLU C 88 11.56 40.26 6.00
CA GLU C 88 10.62 39.10 6.09
C GLU C 88 11.41 38.03 6.82
N ILE C 89 11.23 37.93 8.13
CA ILE C 89 12.07 36.99 8.93
C ILE C 89 11.47 35.58 8.88
N VAL C 90 12.32 34.59 8.57
CA VAL C 90 11.91 33.16 8.51
C VAL C 90 12.83 32.37 9.46
N MET C 91 12.29 31.40 10.20
CA MET C 91 13.11 30.58 11.14
C MET C 91 13.72 29.37 10.43
N ARG C 92 15.00 29.09 10.69
CA ARG C 92 15.69 27.92 10.12
C ARG C 92 15.47 26.74 11.06
N VAL C 93 14.94 25.65 10.55
CA VAL C 93 14.62 24.47 11.41
C VAL C 93 15.39 23.27 10.87
N TYR C 94 16.63 23.10 11.34
CA TYR C 94 17.50 21.97 10.91
C TYR C 94 17.76 21.10 12.10
N PHE C 95 17.69 19.78 11.88
CA PHE C 95 17.89 18.81 12.99
C PHE C 95 19.18 18.03 12.76
N ASP C 118 14.34 6.32 15.76
CA ASP C 118 13.22 6.02 14.83
C ASP C 118 13.04 7.21 13.89
N ILE C 119 12.98 6.93 12.60
CA ILE C 119 12.76 7.99 11.59
C ILE C 119 11.32 8.47 11.76
N ASN C 120 10.43 7.57 12.17
CA ASN C 120 8.98 7.87 12.35
C ASN C 120 8.78 8.84 13.51
N GLU C 121 9.45 8.64 14.63
CA GLU C 121 9.44 9.61 15.75
C GLU C 121 10.20 10.87 15.35
N GLY C 122 11.18 10.75 14.48
CA GLY C 122 11.89 11.94 14.01
C GLY C 122 11.01 12.74 13.09
N LEU C 123 10.23 12.06 12.28
CA LEU C 123 9.26 12.74 11.39
C LEU C 123 8.12 13.36 12.22
N ARG C 124 7.74 12.71 13.30
CA ARG C 124 6.64 13.18 14.17
C ARG C 124 7.12 14.42 14.92
N ILE C 125 8.34 14.37 15.42
CA ILE C 125 8.89 15.49 16.22
C ILE C 125 9.15 16.70 15.33
N ALA C 126 9.62 16.48 14.10
CA ALA C 126 9.90 17.55 13.12
C ALA C 126 8.62 18.21 12.61
N ARG C 127 7.59 17.40 12.30
CA ARG C 127 6.32 17.96 11.79
C ARG C 127 5.67 18.81 12.88
N GLU C 128 5.53 18.25 14.08
CA GLU C 128 4.84 18.98 15.17
C GLU C 128 5.51 20.36 15.39
N LEU C 129 6.83 20.44 15.37
CA LEU C 129 7.56 21.71 15.60
C LEU C 129 7.28 22.73 14.49
N LEU C 130 7.30 22.29 13.24
CA LEU C 130 7.05 23.20 12.10
C LEU C 130 5.60 23.70 12.11
N LEU C 131 4.65 22.86 12.52
CA LEU C 131 3.22 23.25 12.67
C LEU C 131 3.07 24.25 13.82
N THR C 132 3.62 23.90 14.98
CA THR C 132 3.51 24.76 16.15
C THR C 132 4.05 26.12 15.80
N ILE C 133 5.17 26.20 15.09
CA ILE C 133 5.82 27.52 14.84
C ILE C 133 4.99 28.31 13.81
N ASN C 134 4.40 27.62 12.84
CA ASN C 134 3.64 28.31 11.77
C ASN C 134 2.28 28.70 12.35
N ASP C 135 1.77 27.95 13.31
CA ASP C 135 0.49 28.24 13.99
C ASP C 135 0.72 29.40 14.96
N GLN C 136 1.99 29.71 15.24
CA GLN C 136 2.32 30.85 16.12
C GLN C 136 2.62 32.08 15.25
N GLY C 137 2.41 31.97 13.93
CA GLY C 137 2.67 33.09 13.01
C GLY C 137 4.13 33.22 12.59
N LEU C 138 4.98 32.25 12.89
CA LEU C 138 6.40 32.26 12.42
C LEU C 138 6.61 31.30 11.24
N PRO C 139 6.83 31.84 10.03
CA PRO C 139 7.16 31.01 8.88
C PRO C 139 8.48 30.24 9.04
N THR C 140 8.52 29.01 8.54
CA THR C 140 9.68 28.13 8.77
C THR C 140 10.47 27.82 7.52
N ALA C 141 11.79 27.66 7.69
CA ALA C 141 12.68 27.31 6.55
C ALA C 141 13.48 26.05 6.85
N GLY C 142 13.94 25.37 5.80
CA GLY C 142 14.76 24.16 5.96
C GLY C 142 15.60 23.79 4.75
N GLU C 143 16.26 22.62 4.82
CA GLU C 143 17.11 22.12 3.72
C GLU C 143 16.48 20.86 3.13
N PHE C 144 16.32 20.82 1.82
CA PHE C 144 15.73 19.65 1.14
C PHE C 144 16.88 18.77 0.65
N LEU C 145 17.07 17.63 1.30
CA LEU C 145 18.24 16.78 0.98
C LEU C 145 17.82 15.54 0.21
N ASP C 146 16.54 15.19 0.29
CA ASP C 146 16.04 13.97 -0.38
C ASP C 146 14.77 14.32 -1.14
N VAL C 147 14.21 13.36 -1.85
CA VAL C 147 13.00 13.57 -2.68
C VAL C 147 11.81 12.92 -1.97
N ILE C 148 12.05 12.30 -0.80
CA ILE C 148 10.95 11.58 -0.07
C ILE C 148 10.46 12.45 1.10
N SER C 149 11.37 12.91 1.97
CA SER C 149 10.97 13.70 3.16
C SER C 149 10.08 14.91 2.81
N PRO C 150 10.30 15.72 1.74
CA PRO C 150 9.41 16.83 1.46
C PRO C 150 7.95 16.47 1.69
N GLN C 151 7.50 15.34 1.15
CA GLN C 151 6.07 14.94 1.26
C GLN C 151 5.60 14.95 2.72
N TYR C 152 6.52 14.99 3.69
CA TYR C 152 6.06 14.90 5.10
C TYR C 152 5.84 16.29 5.70
N VAL C 153 6.54 17.33 5.23
CA VAL C 153 6.43 18.65 5.91
C VAL C 153 6.46 19.84 4.93
N ALA C 154 6.47 19.62 3.61
CA ALA C 154 6.61 20.78 2.69
C ALA C 154 5.41 21.72 2.84
N ASP C 155 4.23 21.17 3.12
CA ASP C 155 3.02 22.01 3.33
C ASP C 155 3.31 23.05 4.40
N LEU C 156 4.27 22.77 5.29
CA LEU C 156 4.62 23.69 6.40
C LEU C 156 5.91 24.43 6.07
N MET C 157 6.29 24.52 4.80
CA MET C 157 7.60 25.09 4.40
C MET C 157 7.42 26.32 3.51
N SER C 158 8.09 27.40 3.88
CA SER C 158 7.91 28.68 3.17
C SER C 158 9.16 28.98 2.36
N TRP C 159 10.26 28.34 2.72
CA TRP C 159 11.52 28.47 1.96
C TRP C 159 12.36 27.24 2.17
N GLY C 160 13.30 27.00 1.25
CA GLY C 160 14.23 25.88 1.35
C GLY C 160 15.57 26.07 0.67
N ALA C 161 16.61 25.48 1.25
CA ALA C 161 17.97 25.51 0.68
C ALA C 161 18.35 24.17 0.04
N ILE C 162 19.06 24.21 -1.08
CA ILE C 162 19.64 22.98 -1.70
C ILE C 162 21.14 23.10 -1.42
N GLY C 163 21.73 22.13 -0.73
CA GLY C 163 23.14 22.23 -0.31
C GLY C 163 24.14 22.36 -1.41
N ALA C 164 25.40 22.56 -1.03
CA ALA C 164 26.49 22.73 -2.00
C ALA C 164 26.89 21.39 -2.61
N ARG C 165 26.67 20.30 -1.87
CA ARG C 165 27.10 18.96 -2.35
C ARG C 165 26.02 18.35 -3.27
N THR C 166 24.85 18.99 -3.37
CA THR C 166 23.75 18.42 -4.18
C THR C 166 23.22 19.44 -5.17
N THR C 167 23.97 20.51 -5.45
CA THR C 167 23.48 21.60 -6.35
C THR C 167 23.68 21.26 -7.83
N GLU C 168 24.69 20.46 -8.19
CA GLU C 168 24.86 20.03 -9.62
C GLU C 168 24.08 18.74 -9.90
N SER C 169 23.58 18.09 -8.86
CA SER C 169 22.76 16.87 -8.99
C SER C 169 21.49 17.21 -9.77
N GLN C 170 21.17 16.44 -10.79
CA GLN C 170 19.98 16.73 -11.62
C GLN C 170 18.74 16.42 -10.76
N ILE C 171 18.83 15.41 -9.91
CA ILE C 171 17.64 15.04 -9.11
C ILE C 171 17.28 16.19 -8.17
N HIS C 172 18.25 16.87 -7.60
CA HIS C 172 17.95 17.92 -6.60
C HIS C 172 17.39 19.17 -7.28
N ARG C 173 17.72 19.36 -8.57
CA ARG C 173 17.15 20.50 -9.33
C ARG C 173 15.72 20.14 -9.74
N GLU C 174 15.49 18.88 -10.11
CA GLU C 174 14.14 18.45 -10.53
C GLU C 174 13.23 18.47 -9.30
N LEU C 175 13.77 18.20 -8.11
CA LEU C 175 12.96 18.33 -6.89
C LEU C 175 12.53 19.79 -6.74
N ALA C 176 13.47 20.71 -6.81
CA ALA C 176 13.17 22.16 -6.71
C ALA C 176 12.14 22.59 -7.76
N SER C 177 12.19 22.04 -8.97
CA SER C 177 11.17 22.34 -10.01
C SER C 177 9.73 22.02 -9.55
N GLY C 178 9.58 21.13 -8.58
CA GLY C 178 8.26 20.72 -8.09
C GLY C 178 8.09 21.04 -6.64
N LEU C 179 8.94 21.92 -6.10
CA LEU C 179 8.78 22.35 -4.70
C LEU C 179 7.82 23.56 -4.71
N SER C 180 6.83 23.59 -3.81
CA SER C 180 5.80 24.66 -3.78
C SER C 180 6.36 25.94 -3.12
N CYS C 181 7.52 25.84 -2.50
CA CYS C 181 8.15 26.99 -1.82
C CYS C 181 9.29 27.59 -2.68
N PRO C 182 9.68 28.85 -2.47
CA PRO C 182 10.86 29.40 -3.10
C PRO C 182 12.09 28.58 -2.73
N VAL C 183 13.04 28.41 -3.66
CA VAL C 183 14.20 27.52 -3.40
C VAL C 183 15.55 28.25 -3.54
N GLY C 184 16.48 27.92 -2.65
CA GLY C 184 17.83 28.49 -2.69
C GLY C 184 18.87 27.47 -3.05
N PHE C 185 19.55 27.65 -4.17
CA PHE C 185 20.64 26.74 -4.60
C PHE C 185 21.96 27.33 -4.13
N LYS C 186 22.56 26.71 -3.12
CA LYS C 186 23.86 27.19 -2.60
C LYS C 186 24.97 27.03 -3.65
N ASN C 187 26.09 27.71 -3.44
CA ASN C 187 27.26 27.59 -4.35
C ASN C 187 27.97 26.26 -4.08
N GLY C 188 29.05 25.98 -4.81
CA GLY C 188 29.78 24.72 -4.64
C GLY C 188 30.70 24.81 -3.46
N THR C 189 31.17 23.66 -2.97
CA THR C 189 32.04 23.66 -1.79
C THR C 189 33.38 24.29 -2.11
N ASP C 190 33.59 24.73 -3.35
CA ASP C 190 34.85 25.39 -3.78
C ASP C 190 34.57 26.87 -4.07
N GLY C 191 33.41 27.16 -4.66
CA GLY C 191 33.04 28.53 -4.99
C GLY C 191 32.38 28.56 -6.35
N THR C 192 32.26 27.40 -7.00
CA THR C 192 31.56 27.33 -8.29
C THR C 192 30.22 28.03 -8.18
N ILE C 193 29.93 28.90 -9.13
CA ILE C 193 28.67 29.69 -9.14
C ILE C 193 27.83 29.16 -10.30
N LYS C 194 28.47 28.55 -11.29
CA LYS C 194 27.74 28.07 -12.49
C LYS C 194 26.82 26.93 -12.08
N ILE C 195 27.26 26.06 -11.18
CA ILE C 195 26.38 24.91 -10.84
C ILE C 195 25.04 25.52 -10.42
N ALA C 196 25.07 26.59 -9.64
CA ALA C 196 23.84 27.24 -9.13
C ALA C 196 23.12 28.01 -10.23
N ILE C 197 23.84 28.78 -11.03
CA ILE C 197 23.15 29.46 -12.15
C ILE C 197 22.51 28.38 -13.03
N ASP C 198 23.22 27.28 -13.28
CA ASP C 198 22.68 26.14 -14.08
C ASP C 198 21.53 25.50 -13.32
N ALA C 199 21.69 25.34 -12.02
CA ALA C 199 20.63 24.82 -11.15
C ALA C 199 19.39 25.71 -11.25
N ILE C 200 19.55 27.01 -11.05
CA ILE C 200 18.39 27.95 -11.14
C ILE C 200 17.79 27.86 -12.54
N ASN C 201 18.65 27.85 -13.57
CA ASN C 201 18.14 27.70 -14.97
C ASN C 201 17.31 26.41 -15.06
N SER C 202 17.85 25.29 -14.55
CA SER C 202 17.14 23.99 -14.66
C SER C 202 15.80 24.04 -13.92
N ALA C 203 15.84 24.33 -12.61
CA ALA C 203 14.59 24.31 -11.80
C ALA C 203 13.47 25.06 -12.52
N ARG C 204 13.80 26.11 -13.28
CA ARG C 204 12.73 26.93 -13.90
C ARG C 204 11.97 26.15 -14.98
N SER C 205 12.39 24.91 -15.28
CA SER C 205 11.75 24.14 -16.37
C SER C 205 10.99 22.94 -15.79
N ALA C 206 10.05 22.37 -16.57
CA ALA C 206 9.33 21.18 -16.11
C ALA C 206 10.29 20.00 -16.13
N HIS C 207 10.20 19.16 -15.10
CA HIS C 207 11.11 17.99 -14.98
C HIS C 207 10.30 16.80 -14.49
N SER C 208 10.97 15.67 -14.26
CA SER C 208 10.27 14.48 -13.71
C SER C 208 11.24 13.68 -12.83
N PHE C 209 10.85 13.41 -11.59
CA PHE C 209 11.70 12.60 -10.68
C PHE C 209 10.84 11.54 -9.99
N LEU C 210 11.46 10.45 -9.56
CA LEU C 210 10.73 9.37 -8.84
C LEU C 210 10.69 9.68 -7.34
N SER C 211 9.50 9.57 -6.73
CA SER C 211 9.37 9.79 -5.26
C SER C 211 8.17 8.94 -4.82
N VAL C 212 7.66 9.19 -3.61
CA VAL C 212 6.47 8.44 -3.11
C VAL C 212 5.17 9.25 -3.10
N THR C 213 4.02 8.58 -3.03
CA THR C 213 2.74 9.30 -2.92
C THR C 213 2.53 9.65 -1.47
N LYS C 214 1.51 10.47 -1.17
CA LYS C 214 1.21 10.74 0.26
C LYS C 214 0.75 9.43 0.91
N TRP C 215 0.55 8.38 0.12
CA TRP C 215 0.24 7.06 0.70
C TRP C 215 1.54 6.25 0.82
N GLY C 216 2.69 6.82 0.41
CA GLY C 216 4.01 6.21 0.60
C GLY C 216 4.37 5.24 -0.49
N HIS C 217 3.93 5.54 -1.69
CA HIS C 217 4.05 4.55 -2.77
C HIS C 217 4.87 5.08 -3.93
N SER C 218 5.85 4.28 -4.38
CA SER C 218 6.71 4.67 -5.52
C SER C 218 5.87 5.39 -6.58
N ALA C 219 6.38 6.52 -7.07
CA ALA C 219 5.58 7.29 -8.03
C ALA C 219 6.40 8.12 -9.00
N ILE C 220 5.75 8.58 -10.06
CA ILE C 220 6.41 9.50 -11.02
C ILE C 220 5.94 10.93 -10.72
N VAL C 221 6.88 11.81 -10.34
CA VAL C 221 6.54 13.22 -10.03
C VAL C 221 6.82 14.09 -11.25
N ASN C 222 5.77 14.52 -11.94
CA ASN C 222 5.90 15.47 -13.06
C ASN C 222 5.75 16.90 -12.51
N THR C 223 6.80 17.71 -12.67
CA THR C 223 6.85 19.09 -12.16
C THR C 223 6.45 20.11 -13.21
N SER C 224 6.41 21.39 -12.84
CA SER C 224 5.98 22.47 -13.75
C SER C 224 7.08 23.52 -13.91
N GLY C 225 8.00 23.59 -12.96
CA GLY C 225 9.05 24.63 -12.97
C GLY C 225 8.90 25.58 -11.79
N ASN C 226 9.98 25.86 -11.08
CA ASN C 226 9.95 26.86 -9.98
C ASN C 226 10.72 28.09 -10.46
N PRO C 227 10.04 29.24 -10.70
CA PRO C 227 10.74 30.46 -11.07
C PRO C 227 11.32 31.15 -9.88
N ASP C 228 11.06 30.63 -8.68
CA ASP C 228 11.47 31.30 -7.42
C ASP C 228 12.71 30.63 -6.89
N CYS C 229 13.62 30.31 -7.80
CA CYS C 229 14.88 29.66 -7.40
C CYS C 229 15.96 30.74 -7.47
N HIS C 230 16.87 30.75 -6.52
CA HIS C 230 17.88 31.83 -6.46
C HIS C 230 19.19 31.27 -5.93
N ILE C 231 20.24 32.09 -5.97
CA ILE C 231 21.59 31.61 -5.56
C ILE C 231 21.86 31.92 -4.08
N ILE C 232 22.71 31.13 -3.44
CA ILE C 232 23.13 31.43 -2.04
C ILE C 232 24.67 31.54 -2.07
N LEU C 233 25.22 32.52 -1.36
CA LEU C 233 26.68 32.64 -1.25
C LEU C 233 27.10 32.11 0.12
N ARG C 234 27.68 30.92 0.13
CA ARG C 234 28.01 30.21 1.39
C ARG C 234 29.52 30.13 1.55
N GLY C 235 30.27 30.73 0.64
CA GLY C 235 31.73 30.80 0.76
C GLY C 235 32.41 29.72 -0.07
N GLY C 236 33.65 29.38 0.28
CA GLY C 236 34.41 28.35 -0.46
C GLY C 236 35.86 28.37 -0.02
N LYS C 237 36.80 28.09 -0.93
CA LYS C 237 38.24 28.19 -0.59
C LYS C 237 38.46 29.53 0.13
N GLU C 238 37.69 30.56 -0.25
CA GLU C 238 37.79 31.89 0.40
C GLU C 238 36.39 32.53 0.41
N PRO C 239 35.93 33.12 1.52
CA PRO C 239 34.64 33.81 1.57
C PRO C 239 34.25 34.63 0.35
N ASN C 240 32.95 34.65 0.01
CA ASN C 240 32.48 35.38 -1.20
C ASN C 240 31.31 36.32 -0.85
N TYR C 241 31.45 37.14 0.18
CA TYR C 241 30.37 38.11 0.49
C TYR C 241 30.76 39.47 -0.02
N SER C 242 32.03 39.62 -0.37
CA SER C 242 32.58 40.91 -0.83
C SER C 242 31.73 41.50 -1.96
N ALA C 243 31.73 42.82 -2.06
CA ALA C 243 30.90 43.49 -3.08
C ALA C 243 31.20 42.96 -4.47
N GLU C 244 32.43 42.55 -4.72
CA GLU C 244 32.79 42.16 -6.10
C GLU C 244 32.15 40.80 -6.40
N HIS C 245 32.25 39.86 -5.46
CA HIS C 245 31.58 38.55 -5.68
C HIS C 245 30.12 38.83 -5.99
N VAL C 246 29.49 39.66 -5.17
CA VAL C 246 28.05 39.98 -5.39
C VAL C 246 27.90 40.58 -6.79
N LYS C 247 28.83 41.45 -7.21
CA LYS C 247 28.78 42.04 -8.58
C LYS C 247 29.00 40.95 -9.61
N ALA C 248 29.99 40.10 -9.38
CA ALA C 248 30.22 38.96 -10.29
C ALA C 248 28.93 38.17 -10.41
N VAL C 249 28.42 37.69 -9.27
CA VAL C 249 27.21 36.82 -9.30
C VAL C 249 26.11 37.57 -10.06
N ARG C 250 25.92 38.85 -9.74
CA ARG C 250 24.90 39.65 -10.43
C ARG C 250 25.13 39.56 -11.94
N GLU C 251 26.38 39.79 -12.37
CA GLU C 251 26.72 39.77 -13.82
C GLU C 251 26.55 38.35 -14.37
N GLY C 252 27.00 37.33 -13.64
CA GLY C 252 26.81 35.93 -14.06
C GLY C 252 25.35 35.57 -14.17
N LEU C 253 24.54 36.02 -13.21
CA LEU C 253 23.08 35.78 -13.33
C LEU C 253 22.60 36.61 -14.49
N ILE C 254 23.07 37.85 -14.58
CA ILE C 254 22.56 38.75 -15.65
C ILE C 254 22.85 38.08 -16.99
N ASN C 255 24.02 37.49 -17.16
CA ASN C 255 24.43 36.89 -18.46
C ASN C 255 23.57 35.67 -18.77
N ALA C 256 23.21 34.89 -17.76
CA ALA C 256 22.34 33.70 -17.96
C ALA C 256 20.89 34.15 -18.17
N GLY C 257 20.65 35.45 -18.11
CA GLY C 257 19.30 35.98 -18.32
C GLY C 257 18.51 35.74 -17.08
N LEU C 258 19.17 35.85 -15.94
CA LEU C 258 18.48 35.55 -14.65
C LEU C 258 18.46 36.82 -13.79
N ILE C 259 17.35 37.06 -13.10
CA ILE C 259 17.30 38.22 -12.16
C ILE C 259 18.46 38.08 -11.15
N PRO C 260 19.23 39.15 -10.87
CA PRO C 260 20.32 39.06 -9.91
C PRO C 260 19.86 39.01 -8.46
N SER C 261 18.84 38.20 -8.14
CA SER C 261 18.45 38.07 -6.71
C SER C 261 19.44 37.16 -5.97
N ILE C 262 20.21 37.75 -5.07
CA ILE C 262 21.28 36.98 -4.39
C ILE C 262 21.07 36.93 -2.89
N MET C 263 21.42 35.81 -2.25
CA MET C 263 21.37 35.70 -0.78
C MET C 263 22.79 35.36 -0.29
N ILE C 264 23.24 36.01 0.78
CA ILE C 264 24.56 35.66 1.37
C ILE C 264 24.34 34.90 2.67
N ASP C 265 24.95 33.73 2.82
CA ASP C 265 24.89 32.97 4.08
C ASP C 265 26.06 33.44 4.95
N PHE C 266 25.77 34.31 5.91
CA PHE C 266 26.84 34.87 6.76
C PHE C 266 27.61 33.75 7.42
N SER C 267 27.05 32.55 7.42
CA SER C 267 27.72 31.44 8.16
C SER C 267 28.50 30.54 7.21
N HIS C 268 28.80 29.30 7.64
CA HIS C 268 29.52 28.32 6.78
C HIS C 268 30.88 28.87 6.37
N ALA C 269 31.32 28.54 5.14
CA ALA C 269 32.67 28.96 4.68
C ALA C 269 32.70 30.45 4.38
N ASN C 270 31.63 31.18 4.72
CA ASN C 270 31.65 32.65 4.53
C ASN C 270 31.95 33.23 5.90
N SER C 271 32.01 32.37 6.92
CA SER C 271 32.34 32.79 8.30
C SER C 271 33.49 31.94 8.84
N SER C 272 33.87 30.90 8.11
CA SER C 272 34.94 29.97 8.56
C SER C 272 35.32 29.01 7.44
N ASP C 284 29.76 44.95 5.98
CA ASP C 284 29.87 44.57 4.54
C ASP C 284 28.45 44.50 3.95
N VAL C 285 27.87 43.29 3.91
CA VAL C 285 26.51 43.11 3.30
C VAL C 285 25.61 44.28 3.74
N SER C 286 25.65 44.64 5.02
CA SER C 286 24.76 45.73 5.50
C SER C 286 25.11 47.02 4.74
N THR C 287 26.39 47.39 4.70
CA THR C 287 26.78 48.66 4.05
C THR C 287 26.50 48.53 2.57
N GLN C 288 26.74 47.36 2.00
CA GLN C 288 26.32 47.16 0.59
C GLN C 288 24.85 47.60 0.46
N LEU C 289 23.99 47.13 1.37
CA LEU C 289 22.55 47.47 1.28
C LEU C 289 22.39 48.96 1.63
N SER C 290 22.95 49.39 2.76
CA SER C 290 22.90 50.82 3.16
C SER C 290 23.24 51.67 1.94
N GLN C 291 24.23 51.25 1.15
CA GLN C 291 24.67 52.02 -0.04
C GLN C 291 23.71 51.79 -1.22
N GLY C 292 22.90 50.74 -1.19
CA GLY C 292 21.87 50.59 -2.24
C GLY C 292 21.99 49.36 -3.11
N ASP C 293 22.64 48.31 -2.62
CA ASP C 293 22.66 47.05 -3.41
C ASP C 293 21.26 46.45 -3.36
N ARG C 294 20.52 46.52 -4.47
CA ARG C 294 19.16 45.93 -4.52
C ARG C 294 19.27 44.44 -4.82
N SER C 295 20.38 44.01 -5.45
CA SER C 295 20.59 42.58 -5.76
C SER C 295 20.51 41.73 -4.48
N ILE C 296 21.23 42.12 -3.45
CA ILE C 296 21.10 41.40 -2.15
C ILE C 296 19.61 41.50 -1.88
N THR C 297 18.93 40.37 -1.76
CA THR C 297 17.46 40.36 -1.54
C THR C 297 17.27 39.49 -0.32
N GLY C 298 18.30 38.74 0.07
CA GLY C 298 18.15 37.80 1.19
C GLY C 298 19.43 37.58 1.96
N VAL C 299 19.32 37.13 3.22
CA VAL C 299 20.51 36.79 4.05
C VAL C 299 20.22 35.48 4.77
N MET C 300 21.24 34.91 5.39
CA MET C 300 21.10 33.65 6.14
C MET C 300 21.97 33.77 7.39
N ILE C 301 21.35 33.65 8.56
CA ILE C 301 22.07 33.80 9.86
C ILE C 301 21.89 32.51 10.69
N GLU C 302 22.90 32.15 11.47
CA GLU C 302 22.84 30.96 12.33
C GLU C 302 22.91 31.46 13.76
N SER C 303 21.76 31.59 14.42
CA SER C 303 21.77 32.22 15.76
C SER C 303 21.31 31.23 16.83
N HIS C 304 21.68 31.49 18.08
CA HIS C 304 21.28 30.63 19.22
C HIS C 304 20.50 29.43 18.68
N CYS C 328 27.79 30.16 15.65
CA CYS C 328 26.38 30.38 16.04
C CYS C 328 26.28 31.51 17.07
N ILE C 329 25.79 32.68 16.68
CA ILE C 329 25.71 33.83 17.59
C ILE C 329 24.71 33.52 18.70
N GLY C 330 24.80 34.26 19.82
CA GLY C 330 23.79 34.19 20.87
C GLY C 330 22.62 35.16 20.59
N TRP C 331 21.70 35.30 21.54
CA TRP C 331 20.46 36.02 21.29
C TRP C 331 20.59 37.54 21.28
N ASP C 332 21.60 38.08 21.97
CA ASP C 332 21.84 39.54 22.03
C ASP C 332 22.33 40.12 20.68
N ASP C 333 23.29 39.41 20.05
CA ASP C 333 23.88 39.79 18.77
C ASP C 333 22.85 39.62 17.65
N THR C 334 21.88 38.71 17.90
CA THR C 334 20.77 38.47 16.98
C THR C 334 19.92 39.73 16.91
N GLU C 335 19.57 40.27 18.08
CA GLU C 335 18.83 41.52 18.12
C GLU C 335 19.66 42.58 17.40
N LYS C 336 20.96 42.67 17.69
CA LYS C 336 21.78 43.70 17.05
C LYS C 336 21.80 43.61 15.50
N VAL C 337 22.09 42.38 14.99
CA VAL C 337 22.23 42.13 13.57
C VAL C 337 20.92 42.34 12.81
N LEU C 338 19.78 41.92 13.37
CA LEU C 338 18.50 42.14 12.73
C LEU C 338 18.19 43.63 12.75
N ARG C 339 18.55 44.29 13.84
CA ARG C 339 18.30 45.72 13.94
C ARG C 339 19.27 46.42 12.99
N GLN C 340 20.49 45.89 12.91
CA GLN C 340 21.43 46.48 11.96
C GLN C 340 20.96 46.44 10.50
N LEU C 341 20.64 45.25 9.99
CA LEU C 341 20.16 45.04 8.63
C LEU C 341 18.83 45.78 8.40
N SER C 342 17.97 45.93 9.44
CA SER C 342 16.71 46.63 9.29
C SER C 342 17.00 48.04 8.84
N GLU C 343 17.99 48.64 9.54
CA GLU C 343 18.41 50.01 9.29
C GLU C 343 19.01 50.11 7.90
N ALA C 344 19.70 49.05 7.44
CA ALA C 344 20.33 49.05 6.11
C ALA C 344 19.32 49.01 4.96
N VAL C 345 18.15 48.40 5.18
CA VAL C 345 17.08 48.29 4.19
C VAL C 345 16.26 49.58 4.12
N ILE C 346 16.10 50.19 5.28
CA ILE C 346 15.51 51.51 5.37
C ILE C 346 16.39 52.46 4.57
N ALA C 347 17.72 52.43 4.81
CA ALA C 347 18.73 53.25 4.14
C ALA C 347 18.71 53.04 2.63
N ARG C 348 18.59 51.78 2.21
CA ARG C 348 18.61 51.46 0.77
C ARG C 348 17.44 52.12 0.04
N ARG C 349 16.35 52.43 0.75
CA ARG C 349 15.16 52.94 0.04
C ARG C 349 15.36 54.42 -0.31
N ASN C 350 16.31 55.08 0.35
CA ASN C 350 16.49 56.51 0.12
C ASN C 350 17.50 56.84 -0.99
N LYS C 351 17.59 55.96 -2.02
CA LYS C 351 18.53 56.13 -3.13
C LYS C 351 17.92 55.73 -4.52
N TYR D 3 -6.35 27.60 1.89
CA TYR D 3 -5.00 27.98 1.39
C TYR D 3 -4.29 26.75 0.84
N GLN D 4 -4.39 26.57 -0.47
CA GLN D 4 -3.80 25.37 -1.12
C GLN D 4 -2.28 25.50 -1.11
N ASN D 5 -1.60 24.67 -0.33
CA ASN D 5 -0.13 24.81 -0.18
C ASN D 5 0.58 23.56 -0.67
N ASP D 6 -0.14 22.62 -1.28
CA ASP D 6 0.48 21.32 -1.61
C ASP D 6 0.45 21.00 -3.09
N ASP D 7 1.58 20.47 -3.59
CA ASP D 7 1.66 20.03 -4.99
C ASP D 7 1.27 21.20 -5.89
N VAL D 8 1.72 22.41 -5.52
CA VAL D 8 1.31 23.62 -6.28
C VAL D 8 2.03 23.56 -7.63
N ARG D 9 3.20 22.92 -7.68
CA ARG D 9 3.95 22.87 -8.91
C ARG D 9 4.03 21.44 -9.39
N VAL D 10 3.33 20.55 -8.71
CA VAL D 10 3.23 19.15 -9.21
C VAL D 10 2.08 19.13 -10.23
N LYS D 11 2.37 18.78 -11.48
CA LYS D 11 1.30 18.64 -12.51
C LYS D 11 0.70 17.23 -12.45
N GLN D 12 1.46 16.25 -11.97
CA GLN D 12 0.94 14.86 -11.90
C GLN D 12 1.79 13.99 -10.98
N ILE D 13 1.14 13.12 -10.20
CA ILE D 13 1.89 12.11 -9.41
C ILE D 13 1.19 10.79 -9.72
N LYS D 14 1.74 10.04 -10.66
CA LYS D 14 1.17 8.72 -11.03
C LYS D 14 1.94 7.65 -10.27
N GLU D 15 1.21 6.68 -9.71
CA GLU D 15 1.84 5.57 -8.97
C GLU D 15 2.69 4.73 -9.91
N LEU D 16 3.82 4.26 -9.39
CA LEU D 16 4.73 3.41 -10.18
C LEU D 16 4.50 1.95 -9.77
N LEU D 17 4.43 1.05 -10.74
CA LEU D 17 4.33 -0.39 -10.47
C LEU D 17 5.29 -0.68 -9.33
N PRO D 18 4.87 -1.48 -8.33
CA PRO D 18 5.78 -1.84 -7.27
C PRO D 18 6.99 -2.58 -7.85
N PRO D 19 8.20 -2.43 -7.28
CA PRO D 19 9.32 -3.19 -7.78
C PRO D 19 9.01 -4.71 -7.91
N ILE D 20 8.27 -5.31 -6.99
CA ILE D 20 7.95 -6.77 -6.99
C ILE D 20 7.21 -7.16 -8.28
N ALA D 21 6.58 -6.21 -8.95
CA ALA D 21 5.83 -6.48 -10.20
C ALA D 21 6.78 -6.68 -11.38
N LEU D 22 7.99 -6.15 -11.27
CA LEU D 22 8.99 -6.27 -12.34
C LEU D 22 9.81 -7.51 -12.06
N LEU D 23 9.86 -7.91 -10.80
CA LEU D 23 10.63 -9.07 -10.35
C LEU D 23 9.79 -10.33 -10.53
N GLU D 24 8.51 -10.16 -10.81
CA GLU D 24 7.59 -11.29 -11.03
C GLU D 24 7.36 -11.44 -12.52
N LYS D 25 7.21 -10.33 -13.23
CA LYS D 25 7.04 -10.36 -14.70
C LYS D 25 8.37 -10.82 -15.29
N PHE D 26 9.49 -10.43 -14.69
CA PHE D 26 10.81 -10.76 -15.25
C PHE D 26 11.70 -11.31 -14.18
N PRO D 27 11.46 -12.57 -13.76
CA PRO D 27 12.32 -13.19 -12.75
C PRO D 27 13.72 -13.58 -13.22
N ALA D 28 14.75 -13.49 -12.36
CA ALA D 28 16.12 -13.80 -12.76
C ALA D 28 16.20 -15.32 -13.01
N THR D 29 16.66 -15.76 -14.19
CA THR D 29 16.94 -17.18 -14.41
C THR D 29 18.14 -17.55 -13.57
N ASP D 30 18.28 -18.80 -13.17
CA ASP D 30 19.52 -19.26 -12.54
C ASP D 30 20.73 -18.77 -13.33
N LYS D 31 20.67 -18.88 -14.68
CA LYS D 31 21.80 -18.44 -15.50
C LYS D 31 22.12 -16.93 -15.30
N ALA D 32 21.11 -16.08 -15.29
CA ALA D 32 21.35 -14.65 -14.99
C ALA D 32 21.97 -14.52 -13.61
N ALA D 33 21.36 -15.13 -12.61
CA ALA D 33 21.86 -15.05 -11.22
C ALA D 33 23.35 -15.37 -11.11
N PHE D 34 23.85 -16.38 -11.81
CA PHE D 34 25.27 -16.81 -11.72
C PHE D 34 26.15 -15.86 -12.46
N THR D 35 25.69 -15.39 -13.62
CA THR D 35 26.44 -14.37 -14.40
C THR D 35 26.64 -13.15 -13.54
N VAL D 36 25.58 -12.73 -12.84
CA VAL D 36 25.65 -11.57 -11.93
C VAL D 36 26.54 -11.93 -10.75
N HIS D 37 26.37 -13.11 -10.18
CA HIS D 37 27.09 -13.45 -8.94
C HIS D 37 28.58 -13.68 -9.17
N GLU D 38 28.96 -14.25 -10.33
CA GLU D 38 30.35 -14.58 -10.64
C GLU D 38 31.06 -13.30 -11.05
N ALA D 39 30.37 -12.50 -11.86
CA ALA D 39 30.93 -11.26 -12.35
C ALA D 39 31.25 -10.29 -11.20
N ARG D 40 30.37 -10.20 -10.18
CA ARG D 40 30.65 -9.34 -8.98
C ARG D 40 31.94 -9.80 -8.24
N HIS D 41 32.07 -11.10 -8.06
CA HIS D 41 33.16 -11.67 -7.31
C HIS D 41 34.43 -11.53 -8.14
N ALA D 42 34.27 -11.66 -9.47
CA ALA D 42 35.37 -11.44 -10.36
C ALA D 42 35.88 -10.00 -10.26
N ILE D 43 34.93 -9.08 -10.37
CA ILE D 43 35.29 -7.68 -10.37
C ILE D 43 35.94 -7.30 -9.06
N HIS D 44 35.52 -7.95 -7.97
CA HIS D 44 36.13 -7.83 -6.65
C HIS D 44 37.58 -8.35 -6.60
N ASN D 45 37.81 -9.54 -7.18
CA ASN D 45 39.14 -10.11 -7.15
C ASN D 45 40.08 -9.19 -7.91
N ILE D 46 39.68 -8.70 -9.08
CA ILE D 46 40.50 -7.76 -9.83
C ILE D 46 40.76 -6.47 -9.04
N LEU D 47 39.73 -5.97 -8.31
CA LEU D 47 39.82 -4.65 -7.66
C LEU D 47 40.81 -4.71 -6.50
N VAL D 48 40.87 -5.85 -5.80
CA VAL D 48 41.82 -5.90 -4.69
C VAL D 48 43.18 -6.43 -5.11
N GLY D 49 43.42 -6.75 -6.39
CA GLY D 49 44.69 -7.25 -6.87
C GLY D 49 44.78 -8.78 -6.89
N LYS D 50 43.71 -9.53 -6.54
CA LYS D 50 43.81 -10.99 -6.45
C LYS D 50 43.82 -11.57 -7.84
N ASP D 51 43.54 -10.74 -8.83
CA ASP D 51 43.29 -11.22 -10.17
C ASP D 51 43.97 -10.20 -11.07
N ASP D 52 44.78 -10.67 -12.03
CA ASP D 52 45.68 -9.80 -12.81
C ASP D 52 45.01 -9.33 -14.11
N ARG D 53 43.77 -9.77 -14.25
CA ARG D 53 43.02 -9.39 -15.46
C ARG D 53 42.46 -7.98 -15.29
N LEU D 54 41.99 -7.40 -16.37
CA LEU D 54 41.44 -6.04 -16.39
C LEU D 54 39.91 -6.08 -16.61
N VAL D 55 39.17 -5.36 -15.75
CA VAL D 55 37.69 -5.21 -15.90
C VAL D 55 37.46 -4.23 -17.05
N VAL D 56 36.57 -4.58 -17.97
CA VAL D 56 36.34 -3.71 -19.16
C VAL D 56 34.85 -3.38 -19.22
N VAL D 57 34.48 -2.17 -18.84
CA VAL D 57 33.06 -1.78 -19.00
C VAL D 57 32.98 -1.14 -20.39
N ILE D 58 32.32 -1.81 -21.32
CA ILE D 58 32.18 -1.27 -22.70
C ILE D 58 30.70 -1.38 -23.06
N GLY D 59 30.24 -0.50 -23.93
CA GLY D 59 28.87 -0.63 -24.39
C GLY D 59 28.44 0.58 -25.15
N PRO D 60 27.26 0.52 -25.78
CA PRO D 60 26.73 1.67 -26.47
C PRO D 60 26.74 2.90 -25.60
N CYS D 61 26.74 4.08 -26.22
CA CYS D 61 26.63 5.30 -25.39
C CYS D 61 25.23 5.29 -24.78
N SER D 62 24.22 4.94 -25.58
CA SER D 62 22.83 4.86 -25.08
C SER D 62 22.08 3.79 -25.89
N ILE D 63 21.10 3.15 -25.27
CA ILE D 63 20.29 2.14 -25.99
C ILE D 63 19.01 2.82 -26.49
N HIS D 64 18.77 2.78 -27.79
CA HIS D 64 17.54 3.34 -28.37
C HIS D 64 16.75 2.19 -28.98
N ASP D 65 17.41 1.04 -29.19
CA ASP D 65 16.75 -0.15 -29.78
C ASP D 65 17.23 -1.39 -29.02
N THR D 66 16.28 -2.17 -28.51
CA THR D 66 16.68 -3.35 -27.76
C THR D 66 17.13 -4.47 -28.71
N LYS D 67 16.65 -4.45 -29.97
CA LYS D 67 17.15 -5.37 -30.99
C LYS D 67 18.64 -5.10 -31.27
N ALA D 68 18.96 -3.86 -31.59
CA ALA D 68 20.33 -3.46 -31.80
C ALA D 68 21.24 -3.86 -30.64
N ALA D 69 20.72 -3.79 -29.41
CA ALA D 69 21.57 -4.05 -28.21
C ALA D 69 21.81 -5.54 -28.01
N LEU D 70 20.79 -6.35 -28.27
CA LEU D 70 20.90 -7.82 -28.11
C LEU D 70 21.92 -8.38 -29.10
N GLU D 71 22.01 -7.77 -30.28
CA GLU D 71 23.01 -8.15 -31.30
C GLU D 71 24.40 -7.76 -30.80
N TYR D 72 24.60 -6.51 -30.40
CA TYR D 72 25.89 -6.10 -29.81
C TYR D 72 26.30 -7.10 -28.77
N ALA D 73 25.38 -7.43 -27.89
CA ALA D 73 25.69 -8.35 -26.78
C ALA D 73 26.16 -9.69 -27.29
N GLU D 74 25.51 -10.23 -28.31
CA GLU D 74 25.90 -11.53 -28.91
C GLU D 74 27.35 -11.46 -29.36
N ARG D 75 27.67 -10.39 -30.10
CA ARG D 75 29.04 -10.17 -30.56
C ARG D 75 29.96 -10.06 -29.34
N LEU D 76 29.59 -9.25 -28.36
CA LEU D 76 30.47 -9.05 -27.17
C LEU D 76 30.69 -10.34 -26.38
N LYS D 77 29.68 -11.20 -26.20
CA LYS D 77 29.85 -12.40 -25.35
C LYS D 77 30.96 -13.30 -25.92
N GLU D 78 31.05 -13.37 -27.25
CA GLU D 78 32.11 -14.20 -27.88
C GLU D 78 33.46 -13.71 -27.35
N ILE D 79 33.74 -12.44 -27.61
CA ILE D 79 35.02 -11.81 -27.19
C ILE D 79 35.14 -11.85 -25.67
N ARG D 80 34.02 -11.86 -24.95
CA ARG D 80 34.08 -11.80 -23.47
C ARG D 80 34.83 -13.06 -23.04
N GLU D 81 34.45 -14.20 -23.57
CA GLU D 81 34.99 -15.52 -23.15
C GLU D 81 36.24 -15.85 -23.97
N GLU D 82 36.38 -15.26 -25.17
CA GLU D 82 37.60 -15.48 -25.99
C GLU D 82 38.77 -14.77 -25.29
N LEU D 83 38.51 -13.66 -24.61
CA LEU D 83 39.55 -12.91 -23.93
C LEU D 83 39.46 -13.08 -22.42
N LYS D 84 38.74 -14.14 -22.01
CA LYS D 84 38.37 -14.37 -20.62
C LYS D 84 39.54 -14.42 -19.67
N ASP D 85 40.72 -14.87 -20.12
CA ASP D 85 41.89 -15.07 -19.21
C ASP D 85 42.77 -13.82 -19.11
N SER D 86 42.42 -12.75 -19.80
CA SER D 86 43.17 -11.47 -19.72
C SER D 86 42.19 -10.35 -19.33
N LEU D 87 40.90 -10.52 -19.59
CA LEU D 87 39.95 -9.40 -19.37
C LEU D 87 38.65 -9.88 -18.71
N GLU D 88 37.89 -8.97 -18.08
CA GLU D 88 36.55 -9.28 -17.53
C GLU D 88 35.57 -8.36 -18.26
N ILE D 89 35.01 -8.83 -19.37
CA ILE D 89 34.15 -7.94 -20.21
C ILE D 89 32.74 -7.85 -19.62
N VAL D 90 32.28 -6.60 -19.38
CA VAL D 90 30.91 -6.34 -18.85
C VAL D 90 30.23 -5.41 -19.85
N MET D 91 28.93 -5.58 -20.07
CA MET D 91 28.21 -4.72 -21.05
C MET D 91 27.57 -3.54 -20.33
N ARG D 92 27.75 -2.36 -20.91
CA ARG D 92 27.21 -1.12 -20.37
C ARG D 92 25.86 -0.82 -21.01
N VAL D 93 24.85 -0.74 -20.16
CA VAL D 93 23.50 -0.61 -20.63
C VAL D 93 22.93 0.66 -20.01
N TYR D 94 23.15 1.80 -20.68
CA TYR D 94 22.61 3.10 -20.29
C TYR D 94 21.36 3.42 -21.11
N PHE D 95 20.30 3.94 -20.45
CA PHE D 95 19.17 4.55 -21.16
C PHE D 95 19.18 6.14 -21.02
N ASP D 118 5.81 6.40 -20.78
CA ASP D 118 5.44 5.52 -19.63
C ASP D 118 6.72 5.00 -18.97
N ILE D 119 6.89 5.31 -17.69
CA ILE D 119 8.06 4.83 -16.91
C ILE D 119 7.84 3.34 -16.63
N ASN D 120 6.59 2.93 -16.54
CA ASN D 120 6.28 1.52 -16.22
C ASN D 120 6.73 0.67 -17.42
N GLU D 121 6.37 1.08 -18.63
CA GLU D 121 6.84 0.38 -19.85
C GLU D 121 8.35 0.53 -19.98
N GLY D 122 8.90 1.67 -19.60
CA GLY D 122 10.35 1.83 -19.63
C GLY D 122 11.02 0.87 -18.70
N LEU D 123 10.49 0.73 -17.49
CA LEU D 123 11.06 -0.20 -16.49
C LEU D 123 10.96 -1.64 -16.98
N ARG D 124 9.90 -1.97 -17.69
CA ARG D 124 9.71 -3.33 -18.26
C ARG D 124 10.73 -3.57 -19.35
N ILE D 125 10.87 -2.61 -20.26
CA ILE D 125 11.86 -2.71 -21.37
C ILE D 125 13.28 -2.80 -20.78
N ALA D 126 13.59 -2.01 -19.76
CA ALA D 126 14.90 -2.03 -19.08
C ALA D 126 15.19 -3.40 -18.50
N ARG D 127 14.27 -3.87 -17.66
CA ARG D 127 14.46 -5.18 -16.98
C ARG D 127 14.60 -6.30 -18.03
N GLU D 128 13.68 -6.36 -18.99
CA GLU D 128 13.75 -7.52 -19.93
C GLU D 128 15.16 -7.60 -20.55
N LEU D 129 15.74 -6.48 -20.99
CA LEU D 129 17.07 -6.45 -21.66
C LEU D 129 18.17 -6.91 -20.72
N LEU D 130 18.16 -6.44 -19.48
CA LEU D 130 19.21 -6.80 -18.51
C LEU D 130 19.13 -8.30 -18.18
N LEU D 131 17.92 -8.85 -18.10
CA LEU D 131 17.72 -10.29 -17.80
C LEU D 131 18.11 -11.15 -19.00
N THR D 132 17.74 -10.73 -20.19
CA THR D 132 18.05 -11.50 -21.41
C THR D 132 19.55 -11.56 -21.58
N ILE D 133 20.21 -10.44 -21.39
CA ILE D 133 21.68 -10.36 -21.62
C ILE D 133 22.38 -11.15 -20.50
N ASN D 134 21.85 -11.19 -19.29
CA ASN D 134 22.57 -11.93 -18.23
C ASN D 134 22.28 -13.41 -18.38
N ASP D 135 21.14 -13.76 -18.99
CA ASP D 135 20.75 -15.17 -19.22
C ASP D 135 21.55 -15.71 -20.41
N GLN D 136 22.09 -14.82 -21.25
CA GLN D 136 22.93 -15.21 -22.40
C GLN D 136 24.39 -15.30 -21.93
N GLY D 137 24.64 -15.05 -20.63
CA GLY D 137 26.00 -15.17 -20.06
C GLY D 137 26.80 -13.88 -20.03
N LEU D 138 26.26 -12.75 -20.48
CA LEU D 138 26.96 -11.45 -20.46
C LEU D 138 26.56 -10.61 -19.23
N PRO D 139 27.45 -10.38 -18.23
CA PRO D 139 27.13 -9.48 -17.10
C PRO D 139 26.86 -8.03 -17.49
N THR D 140 26.00 -7.34 -16.74
CA THR D 140 25.58 -5.97 -17.17
C THR D 140 26.04 -4.88 -16.23
N ALA D 141 26.31 -3.71 -16.79
CA ALA D 141 26.76 -2.54 -16.00
C ALA D 141 25.97 -1.28 -16.36
N GLY D 142 25.77 -0.41 -15.39
CA GLY D 142 25.08 0.87 -15.65
C GLY D 142 25.32 1.94 -14.60
N GLU D 143 24.51 2.98 -14.64
CA GLU D 143 24.67 4.11 -13.70
C GLU D 143 23.54 4.14 -12.65
N PHE D 144 23.89 4.24 -11.37
CA PHE D 144 22.85 4.31 -10.31
C PHE D 144 22.45 5.78 -10.14
N LEU D 145 21.52 6.24 -10.97
CA LEU D 145 21.12 7.67 -10.95
C LEU D 145 20.42 8.01 -9.62
N ASP D 146 19.40 7.26 -9.24
CA ASP D 146 18.63 7.62 -8.01
C ASP D 146 18.62 6.47 -7.01
N VAL D 147 17.86 6.60 -5.92
CA VAL D 147 17.80 5.56 -4.86
C VAL D 147 16.49 4.75 -4.96
N ILE D 148 15.64 5.02 -5.95
CA ILE D 148 14.41 4.17 -6.05
C ILE D 148 14.52 3.17 -7.23
N SER D 149 15.12 3.59 -8.35
CA SER D 149 15.23 2.74 -9.56
C SER D 149 16.14 1.53 -9.37
N PRO D 150 17.11 1.52 -8.43
CA PRO D 150 17.87 0.30 -8.17
C PRO D 150 17.02 -0.84 -7.66
N GLN D 151 15.89 -0.51 -7.04
CA GLN D 151 15.07 -1.58 -6.43
C GLN D 151 14.41 -2.38 -7.54
N TYR D 152 14.64 -1.99 -8.80
CA TYR D 152 13.93 -2.66 -9.93
C TYR D 152 14.87 -3.53 -10.76
N VAL D 153 16.16 -3.20 -10.80
CA VAL D 153 17.09 -3.84 -11.76
C VAL D 153 18.46 -4.20 -11.20
N ALA D 154 18.75 -3.95 -9.94
CA ALA D 154 20.11 -4.12 -9.40
C ALA D 154 20.44 -5.58 -9.15
N ASP D 155 19.43 -6.43 -9.18
CA ASP D 155 19.63 -7.88 -8.98
C ASP D 155 20.32 -8.41 -10.24
N LEU D 156 20.17 -7.71 -11.36
CA LEU D 156 20.79 -8.09 -12.65
C LEU D 156 22.00 -7.21 -12.93
N MET D 157 22.53 -6.52 -11.93
CA MET D 157 23.64 -5.56 -12.15
C MET D 157 24.88 -6.06 -11.42
N SER D 158 25.99 -6.09 -12.13
CA SER D 158 27.24 -6.68 -11.59
C SER D 158 28.21 -5.53 -11.32
N TRP D 159 27.81 -4.34 -11.75
CA TRP D 159 28.62 -3.15 -11.54
C TRP D 159 27.88 -1.87 -11.96
N GLY D 160 28.27 -0.79 -11.30
CA GLY D 160 27.63 0.50 -11.57
C GLY D 160 28.53 1.66 -11.32
N ALA D 161 28.20 2.76 -11.97
CA ALA D 161 28.96 4.00 -11.79
C ALA D 161 28.11 5.06 -11.09
N ILE D 162 28.74 5.87 -10.25
CA ILE D 162 28.03 7.06 -9.71
C ILE D 162 28.60 8.19 -10.57
N GLY D 163 27.76 9.06 -11.13
CA GLY D 163 28.21 10.12 -12.04
C GLY D 163 29.02 11.21 -11.38
N ALA D 164 29.71 12.00 -12.20
CA ALA D 164 30.52 13.09 -11.67
C ALA D 164 29.69 14.09 -10.83
N ARG D 165 28.43 14.30 -11.21
CA ARG D 165 27.61 15.34 -10.53
C ARG D 165 26.99 14.82 -9.21
N THR D 166 27.08 13.52 -8.93
CA THR D 166 26.45 12.95 -7.71
C THR D 166 27.47 12.26 -6.86
N THR D 167 28.76 12.42 -7.15
CA THR D 167 29.84 11.81 -6.33
C THR D 167 29.88 12.45 -4.95
N GLU D 168 29.75 13.77 -4.84
CA GLU D 168 29.87 14.44 -3.51
C GLU D 168 28.53 14.34 -2.77
N SER D 169 27.47 13.93 -3.44
CA SER D 169 26.17 13.92 -2.79
C SER D 169 26.23 12.88 -1.68
N GLN D 170 25.63 13.12 -0.53
CA GLN D 170 25.74 12.11 0.55
C GLN D 170 24.77 10.95 0.26
N ILE D 171 23.62 11.22 -0.33
CA ILE D 171 22.61 10.14 -0.56
C ILE D 171 23.18 9.16 -1.60
N HIS D 172 24.08 9.62 -2.46
CA HIS D 172 24.63 8.77 -3.53
C HIS D 172 25.77 7.93 -2.96
N ARG D 173 26.36 8.42 -1.85
CA ARG D 173 27.42 7.64 -1.18
C ARG D 173 26.70 6.60 -0.31
N GLU D 174 25.63 7.01 0.38
CA GLU D 174 24.85 6.04 1.15
C GLU D 174 24.27 4.96 0.22
N LEU D 175 23.89 5.33 -0.99
CA LEU D 175 23.31 4.40 -1.92
C LEU D 175 24.35 3.31 -2.19
N ALA D 176 25.54 3.73 -2.55
CA ALA D 176 26.56 2.75 -2.82
C ALA D 176 26.81 1.95 -1.57
N SER D 177 26.76 2.55 -0.39
CA SER D 177 27.05 1.77 0.83
C SER D 177 26.16 0.52 0.91
N GLY D 178 25.11 0.48 0.13
CA GLY D 178 24.15 -0.64 0.21
C GLY D 178 23.86 -1.24 -1.14
N LEU D 179 24.68 -0.89 -2.13
CA LEU D 179 24.53 -1.52 -3.46
C LEU D 179 25.25 -2.87 -3.40
N SER D 180 24.67 -3.90 -3.98
CA SER D 180 25.22 -5.28 -3.87
C SER D 180 26.32 -5.52 -4.92
N CYS D 181 26.55 -4.57 -5.82
CA CYS D 181 27.62 -4.72 -6.76
C CYS D 181 28.74 -3.75 -6.37
N PRO D 182 29.98 -3.95 -6.87
CA PRO D 182 31.04 -2.95 -6.78
C PRO D 182 30.57 -1.65 -7.43
N VAL D 183 31.16 -0.51 -7.03
CA VAL D 183 30.68 0.80 -7.47
C VAL D 183 31.85 1.71 -7.83
N GLY D 184 31.65 2.44 -8.95
CA GLY D 184 32.64 3.32 -9.52
C GLY D 184 32.22 4.76 -9.26
N PHE D 185 33.03 5.48 -8.46
CA PHE D 185 32.80 6.90 -8.24
C PHE D 185 33.61 7.63 -9.29
N LYS D 186 32.92 8.37 -10.17
CA LYS D 186 33.63 9.19 -11.18
C LYS D 186 34.26 10.42 -10.51
N ASN D 187 35.25 11.05 -11.14
CA ASN D 187 35.91 12.26 -10.59
C ASN D 187 35.03 13.48 -10.85
N GLY D 188 35.35 14.63 -10.25
CA GLY D 188 34.53 15.86 -10.41
C GLY D 188 34.53 16.38 -11.84
N THR D 189 33.49 17.13 -12.21
CA THR D 189 33.40 17.63 -13.58
C THR D 189 34.45 18.71 -13.88
N ASP D 190 35.24 19.05 -12.86
CA ASP D 190 36.38 19.99 -13.02
C ASP D 190 37.64 19.15 -13.05
N GLY D 191 37.59 17.97 -12.42
CA GLY D 191 38.74 17.05 -12.38
C GLY D 191 39.14 16.78 -10.94
N THR D 192 38.18 16.86 -10.01
CA THR D 192 38.50 16.72 -8.57
C THR D 192 38.59 15.26 -8.21
N ILE D 193 39.66 14.91 -7.52
CA ILE D 193 39.89 13.49 -7.13
C ILE D 193 39.49 13.37 -5.66
N LYS D 194 39.39 14.49 -4.94
CA LYS D 194 39.10 14.34 -3.52
C LYS D 194 37.64 13.87 -3.25
N ILE D 195 36.69 14.26 -4.09
CA ILE D 195 35.33 13.95 -3.74
C ILE D 195 35.18 12.44 -3.90
N ALA D 196 36.00 11.84 -4.77
CA ALA D 196 35.91 10.40 -5.04
C ALA D 196 36.61 9.65 -3.91
N ILE D 197 37.73 10.18 -3.46
CA ILE D 197 38.38 9.38 -2.40
C ILE D 197 37.48 9.48 -1.15
N ASP D 198 36.83 10.63 -0.95
CA ASP D 198 35.92 10.82 0.21
C ASP D 198 34.66 9.96 0.04
N ALA D 199 34.16 9.85 -1.19
CA ALA D 199 33.02 8.97 -1.50
C ALA D 199 33.39 7.52 -1.24
N ILE D 200 34.45 7.04 -1.88
CA ILE D 200 34.91 5.64 -1.66
C ILE D 200 34.96 5.40 -0.15
N ASN D 201 35.62 6.29 0.58
CA ASN D 201 35.72 6.17 2.06
C ASN D 201 34.32 6.07 2.67
N SER D 202 33.44 7.02 2.37
CA SER D 202 32.08 7.04 2.98
C SER D 202 31.36 5.71 2.70
N ALA D 203 31.30 5.30 1.44
CA ALA D 203 30.55 4.08 1.06
C ALA D 203 30.95 2.90 1.94
N ARG D 204 32.21 2.83 2.39
CA ARG D 204 32.71 1.69 3.17
C ARG D 204 32.11 1.61 4.57
N SER D 205 31.23 2.54 4.92
CA SER D 205 30.71 2.53 6.31
C SER D 205 29.20 2.30 6.31
N ALA D 206 28.62 1.81 7.39
CA ALA D 206 27.16 1.66 7.37
C ALA D 206 26.50 3.03 7.23
N HIS D 207 25.35 3.06 6.58
CA HIS D 207 24.63 4.33 6.37
C HIS D 207 23.12 4.09 6.42
N SER D 208 22.37 5.18 6.38
CA SER D 208 20.90 5.11 6.35
C SER D 208 20.38 6.12 5.33
N PHE D 209 19.58 5.65 4.37
CA PHE D 209 18.94 6.56 3.39
C PHE D 209 17.43 6.25 3.33
N LEU D 210 16.74 6.95 2.45
CA LEU D 210 15.28 6.76 2.31
C LEU D 210 14.92 6.30 0.89
N SER D 211 14.25 5.17 0.77
CA SER D 211 13.72 4.74 -0.53
C SER D 211 12.52 3.83 -0.21
N VAL D 212 12.12 3.02 -1.16
CA VAL D 212 10.95 2.12 -1.01
C VAL D 212 11.34 0.65 -0.86
N THR D 213 10.42 -0.17 -0.38
CA THR D 213 10.62 -1.63 -0.29
C THR D 213 10.29 -2.20 -1.65
N LYS D 214 10.47 -3.51 -1.84
CA LYS D 214 10.16 -4.16 -3.15
C LYS D 214 8.66 -4.08 -3.34
N TRP D 215 7.93 -3.70 -2.32
CA TRP D 215 6.48 -3.47 -2.45
C TRP D 215 6.20 -2.01 -2.84
N GLY D 216 7.21 -1.13 -2.79
CA GLY D 216 7.08 0.25 -3.28
C GLY D 216 6.63 1.18 -2.21
N HIS D 217 7.01 0.90 -0.96
CA HIS D 217 6.50 1.72 0.17
C HIS D 217 7.64 2.49 0.83
N SER D 218 7.46 3.80 1.04
CA SER D 218 8.50 4.63 1.71
C SER D 218 9.15 3.80 2.84
N ALA D 219 10.48 3.71 2.84
CA ALA D 219 11.15 2.84 3.84
C ALA D 219 12.52 3.38 4.24
N ILE D 220 13.04 2.93 5.38
CA ILE D 220 14.39 3.33 5.86
C ILE D 220 15.37 2.21 5.47
N VAL D 221 16.40 2.54 4.69
CA VAL D 221 17.37 1.51 4.24
C VAL D 221 18.65 1.63 5.05
N ASN D 222 18.90 0.64 5.90
CA ASN D 222 20.11 0.60 6.74
C ASN D 222 21.16 -0.27 6.04
N THR D 223 22.30 0.32 5.72
CA THR D 223 23.33 -0.37 4.93
C THR D 223 24.42 -0.93 5.81
N SER D 224 25.24 -1.85 5.29
CA SER D 224 26.32 -2.41 6.04
C SER D 224 27.66 -1.82 5.58
N GLY D 225 27.69 -1.18 4.42
CA GLY D 225 28.97 -0.68 3.86
C GLY D 225 29.42 -1.45 2.63
N ASN D 226 29.95 -0.76 1.62
CA ASN D 226 30.48 -1.41 0.38
C ASN D 226 32.01 -1.22 0.32
N PRO D 227 32.79 -2.29 0.53
CA PRO D 227 34.24 -2.21 0.40
C PRO D 227 34.76 -2.28 -1.01
N ASP D 228 33.86 -2.39 -1.98
CA ASP D 228 34.26 -2.60 -3.40
C ASP D 228 33.98 -1.33 -4.18
N CYS D 229 34.42 -0.21 -3.64
CA CYS D 229 34.28 1.02 -4.42
C CYS D 229 35.64 1.52 -4.88
N HIS D 230 35.67 2.16 -6.04
CA HIS D 230 36.91 2.61 -6.66
C HIS D 230 36.61 3.86 -7.49
N ILE D 231 37.68 4.56 -7.87
CA ILE D 231 37.51 5.82 -8.58
C ILE D 231 37.40 5.53 -10.06
N ILE D 232 36.75 6.46 -10.77
CA ILE D 232 36.78 6.48 -12.22
C ILE D 232 37.46 7.79 -12.60
N LEU D 233 38.44 7.70 -13.52
CA LEU D 233 39.07 8.86 -14.15
C LEU D 233 38.38 9.13 -15.49
N ARG D 234 37.58 10.19 -15.53
CA ARG D 234 36.74 10.48 -16.71
C ARG D 234 37.10 11.82 -17.38
N GLY D 235 38.11 12.53 -16.87
CA GLY D 235 38.53 13.82 -17.46
C GLY D 235 38.15 15.00 -16.60
N GLY D 236 37.83 16.11 -17.24
CA GLY D 236 37.47 17.33 -16.51
C GLY D 236 37.91 18.54 -17.31
N LYS D 237 38.74 19.40 -16.72
CA LYS D 237 39.27 20.58 -17.42
C LYS D 237 40.08 20.11 -18.64
N GLU D 238 41.04 19.23 -18.44
CA GLU D 238 41.80 18.62 -19.56
C GLU D 238 41.82 17.14 -19.21
N PRO D 239 42.12 16.17 -20.11
CA PRO D 239 42.13 14.76 -19.67
C PRO D 239 43.05 14.43 -18.48
N ASN D 240 42.87 13.20 -17.94
CA ASN D 240 43.64 12.77 -16.73
C ASN D 240 43.95 11.26 -16.77
N TYR D 241 44.12 10.68 -17.94
CA TYR D 241 44.53 9.25 -18.04
C TYR D 241 46.04 9.17 -18.05
N SER D 242 46.70 10.32 -18.20
CA SER D 242 48.17 10.38 -18.22
C SER D 242 48.76 9.61 -17.05
N ALA D 243 49.86 8.89 -17.31
CA ALA D 243 50.53 8.17 -16.21
C ALA D 243 50.69 9.12 -15.02
N GLU D 244 50.91 10.41 -15.29
CA GLU D 244 51.21 11.35 -14.20
C GLU D 244 49.95 11.65 -13.37
N HIS D 245 48.80 11.68 -14.01
CA HIS D 245 47.55 11.76 -13.29
C HIS D 245 47.35 10.48 -12.46
N VAL D 246 47.57 9.32 -13.11
CA VAL D 246 47.39 8.03 -12.49
C VAL D 246 48.36 7.83 -11.33
N LYS D 247 49.58 8.35 -11.47
CA LYS D 247 50.57 8.40 -10.38
C LYS D 247 50.09 9.34 -9.26
N ALA D 248 49.51 10.49 -9.65
CA ALA D 248 49.04 11.45 -8.67
C ALA D 248 47.81 10.86 -7.99
N VAL D 249 46.95 10.19 -8.75
CA VAL D 249 45.76 9.57 -8.18
C VAL D 249 46.11 8.40 -7.26
N ARG D 250 47.08 7.58 -7.68
CA ARG D 250 47.50 6.39 -6.96
C ARG D 250 48.15 6.75 -5.62
N GLU D 251 48.93 7.86 -5.61
CA GLU D 251 49.49 8.44 -4.39
C GLU D 251 48.40 9.07 -3.53
N GLY D 252 47.34 9.60 -4.17
CA GLY D 252 46.14 10.12 -3.51
C GLY D 252 45.29 9.06 -2.81
N LEU D 253 45.25 7.86 -3.40
CA LEU D 253 44.47 6.79 -2.78
C LEU D 253 45.27 6.18 -1.62
N ILE D 254 46.60 6.10 -1.84
CA ILE D 254 47.48 5.43 -0.89
C ILE D 254 47.47 6.25 0.41
N ASN D 255 47.57 7.58 0.31
CA ASN D 255 47.62 8.46 1.47
C ASN D 255 46.35 8.32 2.30
N ALA D 256 45.21 8.16 1.61
CA ALA D 256 43.92 8.09 2.30
C ALA D 256 43.67 6.69 2.88
N GLY D 257 44.70 5.82 2.78
CA GLY D 257 44.65 4.44 3.29
C GLY D 257 43.67 3.57 2.48
N LEU D 258 43.73 3.70 1.13
CA LEU D 258 42.89 2.94 0.21
C LEU D 258 43.76 2.16 -0.79
N ILE D 259 43.36 0.91 -1.11
CA ILE D 259 43.87 0.12 -2.22
C ILE D 259 43.94 0.99 -3.50
N PRO D 260 45.15 1.25 -4.09
CA PRO D 260 45.24 2.06 -5.30
C PRO D 260 44.66 1.32 -6.51
N SER D 261 43.32 1.27 -6.58
CA SER D 261 42.60 0.59 -7.66
C SER D 261 41.78 1.56 -8.53
N ILE D 262 42.26 1.74 -9.77
CA ILE D 262 41.91 2.82 -10.66
C ILE D 262 41.28 2.32 -11.96
N MET D 263 40.25 3.03 -12.40
CA MET D 263 39.60 2.72 -13.68
C MET D 263 39.64 3.97 -14.54
N ILE D 264 40.03 3.82 -15.80
CA ILE D 264 40.08 4.96 -16.69
C ILE D 264 38.95 4.91 -17.72
N ASP D 265 38.13 5.96 -17.78
CA ASP D 265 37.06 6.10 -18.76
C ASP D 265 37.58 6.84 -20.01
N PHE D 266 37.76 6.08 -21.10
CA PHE D 266 38.34 6.53 -22.35
C PHE D 266 37.42 7.51 -23.07
N SER D 267 36.17 7.55 -22.68
CA SER D 267 35.20 8.35 -23.40
C SER D 267 35.00 9.70 -22.68
N HIS D 268 33.85 10.35 -22.97
CA HIS D 268 33.33 11.57 -22.32
C HIS D 268 34.42 12.67 -22.37
N ALA D 269 34.95 13.10 -21.22
CA ALA D 269 35.82 14.27 -21.19
C ALA D 269 37.28 13.85 -21.20
N ASN D 270 37.56 12.54 -21.27
CA ASN D 270 38.92 12.06 -21.45
C ASN D 270 39.19 11.99 -22.94
N GLY D 292 54.31 -2.06 -16.62
CA GLY D 292 53.66 -2.96 -15.64
C GLY D 292 52.96 -2.22 -14.49
N ASP D 293 52.07 -1.29 -14.82
CA ASP D 293 51.36 -0.53 -13.81
C ASP D 293 50.16 -1.34 -13.33
N ARG D 294 50.23 -1.94 -12.13
CA ARG D 294 49.17 -2.81 -11.62
C ARG D 294 48.09 -2.01 -10.87
N SER D 295 48.14 -0.68 -10.93
CA SER D 295 47.17 0.11 -10.23
C SER D 295 46.04 0.49 -11.17
N ILE D 296 46.12 0.08 -12.44
CA ILE D 296 45.02 0.33 -13.36
C ILE D 296 44.29 -1.00 -13.42
N THR D 297 43.13 -1.11 -12.74
CA THR D 297 42.38 -2.35 -12.67
C THR D 297 41.17 -2.40 -13.63
N GLY D 298 40.89 -1.37 -14.43
CA GLY D 298 39.69 -1.34 -15.22
C GLY D 298 39.69 -0.13 -16.14
N VAL D 299 39.06 -0.31 -17.31
CA VAL D 299 38.83 0.71 -18.31
C VAL D 299 37.34 0.79 -18.59
N MET D 300 36.93 1.75 -19.40
CA MET D 300 35.54 2.04 -19.71
C MET D 300 35.51 2.58 -21.14
N ILE D 301 34.60 2.05 -21.99
CA ILE D 301 34.62 2.31 -23.42
C ILE D 301 33.18 2.57 -23.91
N GLU D 302 33.01 3.43 -24.92
CA GLU D 302 31.71 3.74 -25.50
C GLU D 302 31.66 3.33 -26.98
N SER D 303 30.99 2.22 -27.26
CA SER D 303 31.18 1.50 -28.51
C SER D 303 29.82 1.14 -29.09
N HIS D 304 29.57 1.50 -30.36
CA HIS D 304 28.34 1.14 -31.05
C HIS D 304 28.60 0.16 -32.22
N LEU D 305 27.53 -0.41 -32.82
CA LEU D 305 27.60 -1.24 -34.03
C LEU D 305 27.60 -0.30 -35.25
N TRP D 331 32.13 -1.23 -34.36
CA TRP D 331 32.42 -2.61 -33.92
C TRP D 331 33.84 -3.08 -34.24
N ASP D 332 34.40 -2.63 -35.36
CA ASP D 332 35.74 -3.00 -35.78
C ASP D 332 36.81 -2.53 -34.77
N ASP D 333 36.76 -1.27 -34.34
CA ASP D 333 37.78 -0.76 -33.39
C ASP D 333 37.56 -1.41 -32.02
N THR D 334 36.33 -1.81 -31.73
CA THR D 334 36.02 -2.46 -30.45
C THR D 334 36.81 -3.76 -30.33
N GLU D 335 36.82 -4.53 -31.43
CA GLU D 335 37.64 -5.73 -31.50
C GLU D 335 39.08 -5.29 -31.30
N LYS D 336 39.49 -4.20 -31.97
CA LYS D 336 40.91 -3.87 -31.98
C LYS D 336 41.39 -3.46 -30.59
N VAL D 337 40.53 -2.67 -29.94
CA VAL D 337 40.86 -2.13 -28.63
C VAL D 337 40.89 -3.23 -27.60
N LEU D 338 39.88 -4.11 -27.60
CA LEU D 338 39.79 -5.23 -26.66
C LEU D 338 40.98 -6.16 -26.89
N ARG D 339 41.35 -6.36 -28.15
CA ARG D 339 42.46 -7.26 -28.45
C ARG D 339 43.77 -6.59 -28.05
N GLN D 340 43.82 -5.27 -28.22
CA GLN D 340 44.98 -4.51 -27.81
C GLN D 340 45.25 -4.50 -26.30
N LEU D 341 44.18 -4.23 -25.49
CA LEU D 341 44.27 -4.23 -24.03
C LEU D 341 44.52 -5.66 -23.52
N SER D 342 43.93 -6.66 -24.18
CA SER D 342 44.23 -8.05 -23.86
C SER D 342 45.75 -8.25 -23.86
N GLU D 343 46.41 -7.76 -24.91
CA GLU D 343 47.84 -7.99 -25.13
C GLU D 343 48.69 -7.27 -24.08
N ALA D 344 48.22 -6.09 -23.68
CA ALA D 344 48.91 -5.28 -22.69
C ALA D 344 48.75 -5.92 -21.31
N VAL D 345 47.63 -6.64 -21.04
CA VAL D 345 47.39 -7.34 -19.78
C VAL D 345 48.34 -8.53 -19.70
N ILE D 346 48.41 -9.28 -20.80
CA ILE D 346 49.36 -10.39 -20.94
C ILE D 346 50.78 -9.83 -20.71
N ALA D 347 51.11 -8.71 -21.37
CA ALA D 347 52.45 -8.10 -21.23
C ALA D 347 52.75 -7.74 -19.78
N ARG D 348 51.73 -7.42 -18.99
CA ARG D 348 51.93 -6.97 -17.60
C ARG D 348 52.33 -8.18 -16.75
N ARG D 349 51.86 -9.37 -17.11
CA ARG D 349 52.14 -10.53 -16.21
C ARG D 349 53.65 -10.84 -16.28
N ASN D 350 54.33 -10.33 -17.28
CA ASN D 350 55.77 -10.54 -17.44
C ASN D 350 56.52 -9.31 -16.86
#